data_5Y4Q
#
_entry.id   5Y4Q
#
_cell.length_a   43.977
_cell.length_b   99.665
_cell.length_c   134.503
_cell.angle_alpha   90.00
_cell.angle_beta   91.97
_cell.angle_gamma   90.00
#
_symmetry.space_group_name_H-M   'P 1 21 1'
#
loop_
_entity.id
_entity.type
_entity.pdbx_description
1 polymer 'Spermidine synthase, putative'
2 non-polymer "5'-[(S)-(3-AMINOPROPYL)(METHYL)-LAMBDA~4~-SULFANYL]-5'-DEOXYADENOSINE"
3 non-polymer N-(4-methoxyphenyl)quinolin-4-amine
4 water water
#
_entity_poly.entity_id   1
_entity_poly.type   'polypeptide(L)'
_entity_poly.pdbx_seq_one_letter_code
;MAHHHHHHMPGSELISGGWFREENDQWPGQAMSLRVEKVLYDAPTKFQHLTIFESDPKGPWGTVMALDGCIQVTDYDEFV
YHEVLGHTSLCSHPKPERVLIIGGGDGGVLREVLRHGTVEHCDLVDIDGEVMEQSKQHFPQISRSLADPRATVRVGDGLA
FVRQTPDNTYDVVIIDTTDPAGPASKLFGEAFYKDVLRILKPDGICCNQGESIWLDLELIEKMSRFIRETGFASVQYALM
HVPTYPCGSIGTLVCSKKAGVDVTKPLRPVEDMPFAKDLKYYDSEMHKASFALPRFARHINNSE
;
_entity_poly.pdbx_strand_id   A,B,C,D
#
loop_
_chem_comp.id
_chem_comp.type
_chem_comp.name
_chem_comp.formula
8OF non-polymer N-(4-methoxyphenyl)quinolin-4-amine 'C16 H14 N2 O'
S4M non-polymer 5'-[(S)-(3-AMINOPROPYL)(METHYL)-LAMBDA~4~-SULFANYL]-5'-DEOXYADENOSINE 'C14 H24 N6 O3 S'
#
# COMPACT_ATOMS: atom_id res chain seq x y z
N GLY A 18 -33.84 -5.88 -45.34
CA GLY A 18 -34.15 -4.97 -44.21
C GLY A 18 -32.97 -4.93 -43.22
N TRP A 19 -31.91 -4.21 -43.59
CA TRP A 19 -30.68 -4.14 -42.80
C TRP A 19 -30.34 -2.69 -42.52
N PHE A 20 -30.08 -2.35 -41.25
CA PHE A 20 -29.54 -1.04 -40.90
C PHE A 20 -28.04 -1.06 -41.13
N ARG A 21 -27.51 -0.09 -41.87
CA ARG A 21 -26.07 -0.04 -42.19
C ARG A 21 -25.45 1.23 -41.62
N GLU A 22 -24.29 1.07 -40.99
CA GLU A 22 -23.59 2.16 -40.35
C GLU A 22 -22.23 2.29 -40.96
N GLU A 23 -21.93 3.49 -41.45
CA GLU A 23 -20.63 3.81 -42.00
C GLU A 23 -20.10 5.07 -41.31
N ASN A 24 -18.80 5.33 -41.51
CA ASN A 24 -18.10 6.50 -40.97
C ASN A 24 -17.16 7.11 -42.00
N ASP A 25 -17.14 8.45 -42.10
CA ASP A 25 -16.15 9.15 -42.97
C ASP A 25 -14.70 8.93 -42.50
N GLN A 26 -14.50 8.73 -41.19
CA GLN A 26 -13.19 8.45 -40.59
C GLN A 26 -12.66 7.11 -41.05
N TRP A 27 -13.59 6.15 -41.20
CA TRP A 27 -13.30 4.77 -41.64
C TRP A 27 -13.97 4.47 -43.00
N PRO A 28 -13.45 5.05 -44.13
CA PRO A 28 -14.11 4.78 -45.41
C PRO A 28 -13.78 3.36 -45.90
N GLY A 29 -14.76 2.76 -46.56
CA GLY A 29 -14.58 1.42 -47.10
C GLY A 29 -14.85 0.36 -46.07
N GLN A 30 -15.51 0.75 -44.97
CA GLN A 30 -15.89 -0.17 -43.91
C GLN A 30 -17.32 0.06 -43.53
N ALA A 31 -18.06 -1.02 -43.27
CA ALA A 31 -19.45 -0.90 -42.84
C ALA A 31 -19.81 -1.94 -41.80
N MET A 32 -20.74 -1.60 -40.92
CA MET A 32 -21.29 -2.50 -39.94
C MET A 32 -22.81 -2.51 -40.19
N SER A 33 -23.40 -3.70 -40.27
CA SER A 33 -24.84 -3.83 -40.56
C SER A 33 -25.58 -4.70 -39.55
N LEU A 34 -26.77 -4.25 -39.18
CA LEU A 34 -27.70 -5.07 -38.40
C LEU A 34 -29.00 -5.29 -39.14
N ARG A 35 -29.48 -6.53 -39.17
CA ARG A 35 -30.82 -6.84 -39.68
C ARG A 35 -31.89 -6.20 -38.78
N VAL A 36 -32.83 -5.50 -39.44
CA VAL A 36 -34.01 -4.95 -38.76
C VAL A 36 -35.18 -5.97 -38.69
N GLU A 37 -35.56 -6.36 -37.48
CA GLU A 37 -36.74 -7.21 -37.27
C GLU A 37 -38.01 -6.39 -37.41
N LYS A 38 -38.03 -5.20 -36.78
CA LYS A 38 -39.19 -4.28 -36.79
C LYS A 38 -38.73 -2.84 -36.55
N VAL A 39 -39.15 -1.93 -37.43
CA VAL A 39 -38.93 -0.47 -37.26
C VAL A 39 -39.91 0.03 -36.19
N LEU A 40 -39.40 0.68 -35.14
CA LEU A 40 -40.24 1.19 -34.04
C LEU A 40 -40.40 2.69 -34.13
N TYR A 41 -39.40 3.39 -34.68
CA TYR A 41 -39.45 4.82 -34.86
C TYR A 41 -38.43 5.18 -35.90
N ASP A 42 -38.81 6.06 -36.83
CA ASP A 42 -37.88 6.52 -37.86
C ASP A 42 -38.32 7.86 -38.38
N ALA A 43 -37.86 8.95 -37.78
CA ALA A 43 -38.27 10.29 -38.24
C ALA A 43 -37.21 11.32 -37.90
N PRO A 44 -37.12 12.41 -38.72
CA PRO A 44 -36.36 13.57 -38.26
C PRO A 44 -37.01 14.21 -37.04
N THR A 45 -36.17 14.80 -36.22
CA THR A 45 -36.57 15.39 -34.98
C THR A 45 -36.25 16.84 -35.28
N LYS A 46 -36.56 17.76 -34.35
CA LYS A 46 -36.10 19.13 -34.48
C LYS A 46 -34.56 19.24 -34.58
N PHE A 47 -33.81 18.27 -34.02
CA PHE A 47 -32.32 18.35 -33.99
C PHE A 47 -31.53 17.27 -34.73
N GLN A 48 -32.13 16.09 -34.94
CA GLN A 48 -31.38 14.96 -35.53
C GLN A 48 -32.29 13.86 -36.04
N HIS A 49 -31.76 12.97 -36.88
CA HIS A 49 -32.51 11.78 -37.24
C HIS A 49 -32.52 10.74 -36.10
N LEU A 50 -33.72 10.30 -35.72
CA LEU A 50 -33.91 9.33 -34.65
C LEU A 50 -34.48 8.05 -35.22
N THR A 51 -33.73 6.96 -35.05
CA THR A 51 -34.12 5.66 -35.56
C THR A 51 -34.09 4.63 -34.42
N ILE A 52 -35.23 3.95 -34.19
CA ILE A 52 -35.34 2.88 -33.21
C ILE A 52 -35.87 1.65 -33.88
N PHE A 53 -35.13 0.55 -33.74
CA PHE A 53 -35.58 -0.73 -34.32
C PHE A 53 -35.30 -1.90 -33.41
N GLU A 54 -36.14 -2.93 -33.54
CA GLU A 54 -35.89 -4.23 -32.93
C GLU A 54 -34.98 -5.01 -33.88
N SER A 55 -33.82 -5.46 -33.39
CA SER A 55 -32.86 -6.15 -34.24
C SER A 55 -33.21 -7.65 -34.26
N ASP A 56 -32.41 -8.45 -34.95
CA ASP A 56 -32.65 -9.90 -35.05
C ASP A 56 -32.80 -10.62 -33.71
N PRO A 57 -33.97 -11.25 -33.46
CA PRO A 57 -34.17 -11.93 -32.14
C PRO A 57 -33.31 -13.15 -31.92
N LYS A 58 -32.64 -13.62 -32.96
CA LYS A 58 -31.62 -14.66 -32.81
C LYS A 58 -30.25 -14.08 -32.47
N GLY A 59 -30.04 -12.79 -32.76
CA GLY A 59 -28.84 -12.04 -32.27
C GLY A 59 -28.99 -11.48 -30.87
N PRO A 60 -27.89 -10.94 -30.28
CA PRO A 60 -27.98 -10.54 -28.88
C PRO A 60 -28.47 -9.09 -28.64
N TRP A 61 -28.59 -8.26 -29.68
CA TRP A 61 -28.67 -6.78 -29.50
C TRP A 61 -29.96 -6.19 -28.89
N GLY A 62 -31.09 -6.87 -29.16
CA GLY A 62 -32.42 -6.38 -28.76
C GLY A 62 -32.82 -5.12 -29.50
N THR A 63 -33.38 -4.16 -28.77
CA THR A 63 -33.79 -2.87 -29.33
C THR A 63 -32.54 -1.97 -29.49
N VAL A 64 -32.50 -1.28 -30.61
CA VAL A 64 -31.37 -0.48 -31.03
C VAL A 64 -31.87 0.94 -31.34
N MET A 65 -31.16 1.95 -30.80
CA MET A 65 -31.38 3.36 -31.16
C MET A 65 -30.16 3.94 -31.88
N ALA A 66 -30.41 4.57 -33.03
CA ALA A 66 -29.42 5.35 -33.74
C ALA A 66 -29.81 6.82 -33.86
N LEU A 67 -28.82 7.72 -33.81
CA LEU A 67 -29.01 9.14 -34.00
C LEU A 67 -28.12 9.54 -35.16
N ASP A 68 -28.73 10.22 -36.16
CA ASP A 68 -28.03 10.57 -37.43
C ASP A 68 -27.23 9.41 -38.03
N GLY A 69 -27.81 8.21 -37.96
CA GLY A 69 -27.23 7.01 -38.57
C GLY A 69 -26.14 6.32 -37.76
N CYS A 70 -25.92 6.76 -36.51
CA CYS A 70 -24.94 6.17 -35.63
C CYS A 70 -25.66 5.57 -34.44
N ILE A 71 -25.43 4.28 -34.22
CA ILE A 71 -26.00 3.58 -33.05
C ILE A 71 -25.47 4.20 -31.75
N GLN A 72 -26.38 4.46 -30.82
CA GLN A 72 -26.05 5.11 -29.54
C GLN A 72 -26.39 4.25 -28.35
N VAL A 73 -27.37 3.35 -28.52
CA VAL A 73 -27.87 2.54 -27.42
C VAL A 73 -28.37 1.23 -28.01
N THR A 74 -28.01 0.13 -27.34
CA THR A 74 -28.67 -1.19 -27.58
C THR A 74 -28.93 -1.73 -26.21
N ASP A 75 -29.97 -2.59 -26.08
CA ASP A 75 -30.28 -3.26 -24.79
C ASP A 75 -29.09 -4.10 -24.28
N TYR A 76 -28.35 -4.69 -25.20
CA TYR A 76 -27.34 -5.67 -24.85
C TYR A 76 -26.12 -5.02 -24.22
N ASP A 77 -25.58 -3.96 -24.84
CA ASP A 77 -24.30 -3.38 -24.38
C ASP A 77 -24.39 -2.10 -23.54
N GLU A 78 -25.62 -1.58 -23.37
CA GLU A 78 -25.80 -0.24 -22.77
C GLU A 78 -25.19 -0.10 -21.40
N PHE A 79 -25.21 -1.21 -20.65
CA PHE A 79 -24.60 -1.27 -19.32
C PHE A 79 -23.11 -0.82 -19.28
N VAL A 80 -22.38 -1.08 -20.36
CA VAL A 80 -20.95 -0.77 -20.38
C VAL A 80 -20.70 0.72 -20.26
N TYR A 81 -21.12 1.48 -21.27
CA TYR A 81 -20.83 2.91 -21.31
C TYR A 81 -21.53 3.62 -20.17
N HIS A 82 -22.73 3.13 -19.82
CA HIS A 82 -23.49 3.75 -18.73
C HIS A 82 -22.83 3.62 -17.36
N GLU A 83 -22.37 2.42 -17.04
CA GLU A 83 -21.68 2.18 -15.78
C GLU A 83 -20.34 2.88 -15.75
N VAL A 84 -19.58 2.84 -16.86
CA VAL A 84 -18.27 3.49 -16.90
C VAL A 84 -18.39 5.03 -16.68
N LEU A 85 -19.21 5.72 -17.48
CA LEU A 85 -19.43 7.16 -17.27
C LEU A 85 -19.96 7.49 -15.86
N GLY A 86 -20.94 6.73 -15.39
CA GLY A 86 -21.57 6.99 -14.10
C GLY A 86 -20.62 6.78 -12.93
N HIS A 87 -19.94 5.65 -12.91
CA HIS A 87 -19.17 5.29 -11.75
C HIS A 87 -17.74 5.76 -11.73
N THR A 88 -17.10 5.83 -12.90
CA THR A 88 -15.71 6.29 -12.95
C THR A 88 -15.65 7.73 -12.42
N SER A 89 -16.64 8.53 -12.79
CA SER A 89 -16.73 9.90 -12.31
C SER A 89 -17.10 9.98 -10.83
N LEU A 90 -18.23 9.40 -10.43
CA LEU A 90 -18.69 9.48 -9.03
C LEU A 90 -17.75 8.86 -7.99
N CYS A 91 -17.15 7.72 -8.33
CA CYS A 91 -16.10 7.11 -7.47
C CYS A 91 -14.77 7.86 -7.48
N SER A 92 -14.66 8.90 -8.31
CA SER A 92 -13.48 9.79 -8.32
C SER A 92 -13.74 11.07 -7.50
N HIS A 93 -14.94 11.18 -6.97
CA HIS A 93 -15.30 12.35 -6.21
C HIS A 93 -15.36 12.01 -4.71
N PRO A 94 -14.88 12.94 -3.82
CA PRO A 94 -14.97 12.56 -2.37
C PRO A 94 -16.39 12.45 -1.79
N LYS A 95 -17.36 13.17 -2.34
CA LYS A 95 -18.75 13.16 -1.82
C LYS A 95 -19.67 13.80 -2.84
N PRO A 96 -20.06 13.04 -3.89
CA PRO A 96 -20.80 13.72 -4.94
C PRO A 96 -22.27 13.90 -4.59
N GLU A 97 -22.70 15.14 -4.41
CA GLU A 97 -24.08 15.42 -3.98
C GLU A 97 -24.97 15.95 -5.05
N ARG A 98 -24.46 16.79 -5.93
CA ARG A 98 -25.25 17.46 -6.97
C ARG A 98 -24.55 17.18 -8.31
N VAL A 99 -25.29 16.61 -9.26
CA VAL A 99 -24.69 16.04 -10.48
C VAL A 99 -25.41 16.68 -11.65
N LEU A 100 -24.67 17.10 -12.68
CA LEU A 100 -25.28 17.47 -13.95
C LEU A 100 -24.96 16.43 -15.04
N ILE A 101 -25.98 16.04 -15.82
CA ILE A 101 -25.74 15.24 -17.03
C ILE A 101 -26.18 16.09 -18.22
N ILE A 102 -25.30 16.23 -19.21
CA ILE A 102 -25.60 16.89 -20.48
C ILE A 102 -25.74 15.81 -21.57
N GLY A 103 -26.86 15.83 -22.29
CA GLY A 103 -27.25 14.73 -23.15
C GLY A 103 -27.89 13.64 -22.30
N GLY A 104 -27.64 12.37 -22.61
CA GLY A 104 -28.11 11.27 -21.74
C GLY A 104 -29.62 11.09 -21.67
N GLY A 105 -30.32 11.58 -22.70
CA GLY A 105 -31.77 11.57 -22.76
C GLY A 105 -32.42 10.21 -22.64
N ASP A 106 -31.66 9.13 -22.97
CA ASP A 106 -32.12 7.74 -22.76
C ASP A 106 -32.24 7.34 -21.28
N GLY A 107 -31.56 8.05 -20.38
CA GLY A 107 -31.70 7.78 -18.95
C GLY A 107 -30.64 6.83 -18.38
N GLY A 108 -29.77 6.28 -19.22
CA GLY A 108 -28.80 5.23 -18.75
C GLY A 108 -27.81 5.74 -17.72
N VAL A 109 -27.11 6.84 -18.04
CA VAL A 109 -26.17 7.43 -17.08
C VAL A 109 -26.87 7.85 -15.77
N LEU A 110 -28.01 8.49 -15.92
CA LEU A 110 -28.85 8.86 -14.74
C LEU A 110 -29.19 7.69 -13.83
N ARG A 111 -29.58 6.57 -14.43
CA ARG A 111 -29.87 5.36 -13.63
C ARG A 111 -28.66 5.01 -12.80
N GLU A 112 -27.47 5.06 -13.43
CA GLU A 112 -26.23 4.73 -12.70
C GLU A 112 -25.90 5.73 -11.63
N VAL A 113 -26.01 7.01 -11.97
CA VAL A 113 -25.69 8.13 -11.04
C VAL A 113 -26.57 8.00 -9.76
N LEU A 114 -27.83 7.64 -9.96
CA LEU A 114 -28.86 7.54 -8.88
C LEU A 114 -28.67 6.35 -7.95
N ARG A 115 -27.86 5.36 -8.34
CA ARG A 115 -27.47 4.28 -7.40
C ARG A 115 -26.69 4.82 -6.22
N HIS A 116 -25.94 5.90 -6.44
CA HIS A 116 -25.13 6.47 -5.37
C HIS A 116 -25.99 7.18 -4.28
N GLY A 117 -25.81 6.77 -3.04
CA GLY A 117 -26.59 7.28 -1.92
C GLY A 117 -26.20 8.69 -1.54
N THR A 118 -24.95 9.09 -1.84
CA THR A 118 -24.52 10.49 -1.64
C THR A 118 -25.30 11.51 -2.53
N VAL A 119 -25.91 11.08 -3.64
CA VAL A 119 -26.48 12.01 -4.61
C VAL A 119 -27.81 12.51 -4.09
N GLU A 120 -27.92 13.83 -3.91
CA GLU A 120 -29.17 14.44 -3.45
C GLU A 120 -29.98 14.87 -4.63
N HIS A 121 -29.32 15.26 -5.71
CA HIS A 121 -30.01 15.80 -6.87
C HIS A 121 -29.18 15.67 -8.17
N CYS A 122 -29.84 15.32 -9.25
CA CYS A 122 -29.16 15.29 -10.54
C CYS A 122 -30.00 16.05 -11.54
N ASP A 123 -29.41 17.03 -12.22
CA ASP A 123 -30.09 17.69 -13.35
C ASP A 123 -29.68 17.00 -14.65
N LEU A 124 -30.63 16.72 -15.52
CA LEU A 124 -30.26 16.19 -16.81
C LEU A 124 -30.85 17.10 -17.87
N VAL A 125 -30.00 17.50 -18.83
CA VAL A 125 -30.37 18.41 -19.89
C VAL A 125 -30.05 17.80 -21.27
N ASP A 126 -31.08 17.41 -22.00
CA ASP A 126 -30.87 16.88 -23.35
C ASP A 126 -31.62 17.76 -24.33
N ILE A 127 -30.94 18.12 -25.43
CA ILE A 127 -31.49 19.01 -26.48
C ILE A 127 -32.71 18.47 -27.13
N ASP A 128 -32.86 17.15 -27.13
CA ASP A 128 -33.88 16.57 -27.96
C ASP A 128 -34.89 15.85 -27.10
N GLY A 129 -36.08 16.45 -27.00
CA GLY A 129 -37.13 15.91 -26.13
C GLY A 129 -37.72 14.63 -26.66
N GLU A 130 -37.64 14.44 -27.97
CA GLU A 130 -38.09 13.22 -28.63
C GLU A 130 -37.28 11.95 -28.22
N VAL A 131 -35.97 12.10 -28.02
CA VAL A 131 -35.10 11.04 -27.48
C VAL A 131 -35.60 10.51 -26.13
N MET A 132 -35.91 11.40 -25.18
CA MET A 132 -36.52 10.97 -23.90
C MET A 132 -37.86 10.31 -24.07
N GLU A 133 -38.67 10.82 -25.01
CA GLU A 133 -40.02 10.27 -25.27
C GLU A 133 -39.93 8.87 -25.87
N GLN A 134 -39.05 8.73 -26.86
CA GLN A 134 -38.84 7.43 -27.48
C GLN A 134 -38.12 6.41 -26.59
N SER A 135 -37.26 6.89 -25.69
CA SER A 135 -36.68 6.02 -24.67
C SER A 135 -37.67 5.57 -23.60
N LYS A 136 -38.63 6.44 -23.26
CA LYS A 136 -39.68 6.04 -22.33
C LYS A 136 -40.50 4.89 -22.92
N GLN A 137 -40.85 5.01 -24.18
CA GLN A 137 -41.61 3.99 -24.93
C GLN A 137 -40.86 2.67 -25.24
N HIS A 138 -39.59 2.78 -25.65
CA HIS A 138 -38.89 1.62 -26.21
C HIS A 138 -37.70 1.09 -25.42
N PHE A 139 -37.25 1.85 -24.42
CA PHE A 139 -36.24 1.37 -23.48
C PHE A 139 -36.63 1.65 -22.05
N PRO A 140 -37.71 0.98 -21.53
CA PRO A 140 -38.16 1.28 -20.15
C PRO A 140 -37.17 0.94 -19.04
N GLN A 141 -36.31 -0.07 -19.26
CA GLN A 141 -35.23 -0.43 -18.32
C GLN A 141 -34.05 0.54 -18.30
N ILE A 142 -34.02 1.47 -19.24
CA ILE A 142 -32.99 2.50 -19.29
C ILE A 142 -33.57 3.82 -18.75
N SER A 143 -34.82 4.10 -19.15
CA SER A 143 -35.43 5.42 -18.99
C SER A 143 -36.32 5.60 -17.74
N ARG A 144 -36.53 4.53 -16.98
CA ARG A 144 -37.20 4.54 -15.68
C ARG A 144 -36.67 5.70 -14.80
N SER A 145 -35.34 5.87 -14.84
CA SER A 145 -34.61 6.85 -14.06
C SER A 145 -35.15 8.30 -14.24
N LEU A 146 -35.68 8.57 -15.41
CA LEU A 146 -36.09 9.93 -15.78
C LEU A 146 -37.20 10.43 -14.84
N ALA A 147 -37.92 9.50 -14.20
CA ALA A 147 -39.02 9.80 -13.34
C ALA A 147 -38.61 9.90 -11.90
N ASP A 148 -37.33 9.72 -11.56
CA ASP A 148 -36.91 9.70 -10.16
C ASP A 148 -36.98 11.09 -9.49
N PRO A 149 -37.51 11.16 -8.23
CA PRO A 149 -37.70 12.49 -7.60
C PRO A 149 -36.40 13.21 -7.36
N ARG A 150 -35.27 12.50 -7.43
CA ARG A 150 -33.98 13.15 -7.20
C ARG A 150 -33.46 13.78 -8.50
N ALA A 151 -34.17 13.55 -9.59
CA ALA A 151 -33.78 14.00 -10.89
C ALA A 151 -34.67 15.13 -11.38
N THR A 152 -34.12 16.10 -12.09
CA THR A 152 -34.93 17.04 -12.84
C THR A 152 -34.44 17.03 -14.24
N VAL A 153 -35.35 16.72 -15.17
CA VAL A 153 -35.06 16.56 -16.56
C VAL A 153 -35.52 17.80 -17.32
N ARG A 154 -34.62 18.40 -18.11
CA ARG A 154 -34.90 19.56 -18.92
C ARG A 154 -34.63 19.23 -20.38
N VAL A 155 -35.46 19.79 -21.25
CA VAL A 155 -35.24 19.73 -22.67
C VAL A 155 -34.62 21.05 -23.07
N GLY A 156 -33.36 21.03 -23.49
CA GLY A 156 -32.70 22.25 -23.93
C GLY A 156 -31.26 21.99 -24.32
N ASP A 157 -30.63 23.00 -24.89
CA ASP A 157 -29.21 22.94 -25.26
C ASP A 157 -28.31 23.01 -24.04
N GLY A 158 -27.36 22.07 -23.93
CA GLY A 158 -26.39 22.02 -22.84
C GLY A 158 -25.50 23.25 -22.78
N LEU A 159 -25.19 23.81 -23.95
CA LEU A 159 -24.30 24.97 -24.06
C LEU A 159 -24.92 26.23 -23.38
N ALA A 160 -26.18 26.49 -23.71
CA ALA A 160 -26.96 27.58 -23.11
C ALA A 160 -27.25 27.31 -21.64
N PHE A 161 -27.60 26.05 -21.28
CA PHE A 161 -27.80 25.70 -19.86
C PHE A 161 -26.62 26.02 -18.95
N VAL A 162 -25.40 25.65 -19.34
CA VAL A 162 -24.27 25.84 -18.44
C VAL A 162 -23.89 27.34 -18.41
N ARG A 163 -24.19 28.04 -19.51
CA ARG A 163 -23.95 29.46 -19.60
C ARG A 163 -24.79 30.21 -18.56
N GLN A 164 -26.00 29.71 -18.32
CA GLN A 164 -26.90 30.29 -17.33
C GLN A 164 -26.91 29.62 -15.95
N THR A 165 -25.88 28.84 -15.64
CA THR A 165 -25.77 28.15 -14.35
C THR A 165 -24.79 28.93 -13.50
N PRO A 166 -25.09 29.11 -12.20
CA PRO A 166 -24.12 29.90 -11.40
C PRO A 166 -22.83 29.13 -11.13
N ASP A 167 -21.79 29.86 -10.72
CA ASP A 167 -20.54 29.25 -10.31
C ASP A 167 -20.75 28.25 -9.21
N ASN A 168 -19.87 27.25 -9.15
CA ASN A 168 -19.84 26.30 -8.04
C ASN A 168 -21.20 25.69 -7.73
N THR A 169 -21.87 25.19 -8.78
CA THR A 169 -23.18 24.54 -8.62
C THR A 169 -23.08 23.00 -8.48
N TYR A 170 -22.15 22.38 -9.20
CA TYR A 170 -22.12 20.90 -9.31
C TYR A 170 -20.86 20.29 -8.79
N ASP A 171 -21.03 19.09 -8.24
CA ASP A 171 -19.89 18.26 -7.85
C ASP A 171 -19.34 17.49 -9.09
N VAL A 172 -20.23 17.04 -9.96
CA VAL A 172 -19.83 16.21 -11.12
C VAL A 172 -20.63 16.71 -12.29
N VAL A 173 -19.98 16.94 -13.43
CA VAL A 173 -20.69 17.14 -14.69
C VAL A 173 -20.32 15.96 -15.63
N ILE A 174 -21.34 15.25 -16.15
CA ILE A 174 -21.14 14.15 -17.11
C ILE A 174 -21.68 14.56 -18.46
N ILE A 175 -20.81 14.54 -19.48
CA ILE A 175 -21.17 14.89 -20.84
C ILE A 175 -21.40 13.61 -21.69
N ASP A 176 -22.66 13.26 -21.90
CA ASP A 176 -23.02 12.02 -22.56
C ASP A 176 -23.67 12.35 -23.90
N THR A 177 -22.88 12.86 -24.84
CA THR A 177 -23.44 13.37 -26.09
C THR A 177 -23.07 12.51 -27.30
N THR A 178 -23.39 13.01 -28.49
CA THR A 178 -23.26 12.26 -29.76
C THR A 178 -21.88 12.37 -30.42
N ALA A 191 -14.76 27.34 -24.38
CA ALA A 191 -15.94 28.13 -24.09
C ALA A 191 -17.03 27.34 -23.32
N PHE A 192 -17.47 26.21 -23.88
CA PHE A 192 -18.38 25.29 -23.18
C PHE A 192 -17.65 24.72 -21.98
N TYR A 193 -16.44 24.23 -22.22
CA TYR A 193 -15.58 23.67 -21.18
C TYR A 193 -15.17 24.70 -20.11
N LYS A 194 -15.12 25.96 -20.48
CA LYS A 194 -14.79 27.02 -19.51
C LYS A 194 -16.00 27.22 -18.57
N ASP A 195 -17.19 27.20 -19.14
CA ASP A 195 -18.44 27.19 -18.39
C ASP A 195 -18.58 25.95 -17.49
N VAL A 196 -18.22 24.77 -18.01
CA VAL A 196 -18.19 23.52 -17.20
C VAL A 196 -17.26 23.66 -16.01
N LEU A 197 -16.06 24.18 -16.24
CA LEU A 197 -15.12 24.37 -15.14
C LEU A 197 -15.70 25.32 -14.05
N ARG A 198 -16.33 26.39 -14.54
CA ARG A 198 -16.87 27.48 -13.73
C ARG A 198 -18.03 26.96 -12.83
N ILE A 199 -18.91 26.14 -13.41
CA ILE A 199 -20.07 25.62 -12.68
C ILE A 199 -19.75 24.46 -11.73
N LEU A 200 -18.53 23.94 -11.84
CA LEU A 200 -18.03 22.94 -10.89
C LEU A 200 -17.54 23.55 -9.59
N LYS A 201 -17.84 22.88 -8.47
CA LYS A 201 -17.28 23.23 -7.14
C LYS A 201 -15.79 22.88 -7.16
N PRO A 202 -15.00 23.28 -6.11
CA PRO A 202 -13.54 23.10 -6.19
C PRO A 202 -13.02 21.65 -6.35
N ASP A 203 -13.73 20.67 -5.78
CA ASP A 203 -13.39 19.24 -5.93
C ASP A 203 -14.13 18.64 -7.16
N GLY A 204 -14.63 19.49 -8.04
CA GLY A 204 -15.41 19.03 -9.19
C GLY A 204 -14.72 18.03 -10.14
N ILE A 205 -15.53 17.10 -10.66
CA ILE A 205 -15.08 16.14 -11.67
C ILE A 205 -15.97 16.34 -12.89
N CYS A 206 -15.36 16.36 -14.09
CA CYS A 206 -16.06 16.40 -15.38
C CYS A 206 -15.69 15.13 -16.16
N CYS A 207 -16.66 14.47 -16.76
CA CYS A 207 -16.31 13.42 -17.69
C CYS A 207 -17.19 13.40 -18.92
N ASN A 208 -16.62 12.97 -20.03
CA ASN A 208 -17.24 13.07 -21.33
C ASN A 208 -17.11 11.76 -22.08
N GLN A 209 -17.99 11.54 -23.06
CA GLN A 209 -17.87 10.50 -24.08
C GLN A 209 -16.65 10.89 -24.91
N GLY A 210 -15.57 10.11 -24.80
CA GLY A 210 -14.24 10.52 -25.23
C GLY A 210 -13.68 10.08 -26.58
N GLU A 211 -14.42 9.35 -27.40
CA GLU A 211 -13.96 9.02 -28.79
C GLU A 211 -12.87 7.91 -28.82
N SER A 212 -12.51 7.46 -30.03
CA SER A 212 -11.62 6.29 -30.27
C SER A 212 -10.11 6.56 -30.38
N ILE A 213 -9.28 5.81 -29.63
CA ILE A 213 -7.82 5.89 -29.83
C ILE A 213 -7.41 5.29 -31.21
N TRP A 214 -8.27 4.48 -31.80
CA TRP A 214 -8.01 3.98 -33.15
C TRP A 214 -8.32 5.08 -34.21
N LEU A 215 -7.24 5.49 -34.91
CA LEU A 215 -7.16 6.68 -35.81
C LEU A 215 -7.49 8.05 -35.18
N ASP A 216 -8.74 8.19 -34.75
CA ASP A 216 -9.30 9.30 -33.94
C ASP A 216 -8.45 9.87 -32.75
N LEU A 217 -7.20 9.44 -32.67
CA LEU A 217 -6.29 9.70 -31.57
C LEU A 217 -5.86 11.15 -31.44
N GLU A 218 -5.68 11.79 -32.59
CA GLU A 218 -5.25 13.19 -32.69
C GLU A 218 -6.31 14.09 -32.04
N LEU A 219 -7.58 13.77 -32.24
CA LEU A 219 -8.67 14.51 -31.61
C LEU A 219 -8.64 14.39 -30.07
N ILE A 220 -8.48 13.17 -29.53
CA ILE A 220 -8.38 12.98 -28.08
C ILE A 220 -7.22 13.80 -27.52
N GLU A 221 -6.07 13.74 -28.20
CA GLU A 221 -4.91 14.53 -27.77
C GLU A 221 -5.23 16.03 -27.73
N LYS A 222 -5.86 16.53 -28.78
CA LYS A 222 -6.26 17.93 -28.90
C LYS A 222 -7.32 18.29 -27.82
N MET A 223 -8.30 17.41 -27.60
CA MET A 223 -9.33 17.58 -26.54
C MET A 223 -8.72 17.67 -25.16
N SER A 224 -7.86 16.71 -24.81
CA SER A 224 -7.17 16.69 -23.53
C SER A 224 -6.32 17.97 -23.28
N ARG A 225 -5.63 18.45 -24.31
CA ARG A 225 -4.90 19.72 -24.16
C ARG A 225 -5.85 20.93 -24.06
N PHE A 226 -6.89 20.97 -24.87
CA PHE A 226 -7.89 22.04 -24.81
C PHE A 226 -8.55 22.12 -23.41
N ILE A 227 -8.90 20.97 -22.85
CA ILE A 227 -9.46 20.90 -21.48
C ILE A 227 -8.52 21.33 -20.36
N ARG A 228 -7.26 20.87 -20.36
CA ARG A 228 -6.28 21.32 -19.37
C ARG A 228 -6.03 22.84 -19.48
N GLU A 229 -5.99 23.34 -20.72
CA GLU A 229 -5.70 24.75 -20.97
C GLU A 229 -6.87 25.66 -20.64
N THR A 230 -8.11 25.14 -20.69
CA THR A 230 -9.22 25.92 -20.15
C THR A 230 -9.11 26.04 -18.63
N GLY A 231 -8.30 25.22 -17.97
CA GLY A 231 -8.09 25.37 -16.54
C GLY A 231 -8.41 24.19 -15.62
N PHE A 232 -8.92 23.09 -16.15
CA PHE A 232 -8.93 21.84 -15.40
C PHE A 232 -7.53 21.46 -15.06
N ALA A 233 -7.31 20.95 -13.85
CA ALA A 233 -5.96 20.61 -13.41
C ALA A 233 -5.38 19.34 -14.04
N SER A 234 -6.25 18.39 -14.39
CA SER A 234 -5.82 17.09 -14.95
C SER A 234 -6.94 16.48 -15.77
N VAL A 235 -6.52 15.67 -16.73
CA VAL A 235 -7.39 15.04 -17.73
C VAL A 235 -6.74 13.67 -17.95
N GLN A 236 -7.52 12.60 -17.76
CA GLN A 236 -7.04 11.23 -17.95
C GLN A 236 -8.08 10.47 -18.79
N TYR A 237 -7.61 9.66 -19.75
CA TYR A 237 -8.52 8.95 -20.64
C TYR A 237 -8.67 7.51 -20.20
N ALA A 238 -9.93 7.04 -20.15
CA ALA A 238 -10.25 5.68 -19.74
C ALA A 238 -10.86 4.94 -20.91
N LEU A 239 -10.41 3.72 -21.14
CA LEU A 239 -10.83 2.93 -22.27
C LEU A 239 -11.94 1.99 -21.82
N MET A 240 -12.93 1.69 -22.67
CA MET A 240 -13.88 0.62 -22.35
C MET A 240 -13.96 -0.52 -23.36
N HIS A 241 -14.31 -1.71 -22.86
CA HIS A 241 -14.48 -2.92 -23.69
C HIS A 241 -15.93 -3.06 -24.07
N VAL A 242 -16.22 -2.74 -25.31
CA VAL A 242 -17.57 -2.82 -25.84
C VAL A 242 -17.62 -4.05 -26.80
N PRO A 243 -18.78 -4.77 -26.89
CA PRO A 243 -18.83 -5.92 -27.83
C PRO A 243 -18.65 -5.57 -29.32
N THR A 244 -19.06 -4.37 -29.75
CA THR A 244 -18.75 -3.85 -31.10
C THR A 244 -18.70 -2.31 -31.15
N TYR A 245 -17.69 -1.77 -31.85
CA TYR A 245 -17.60 -0.34 -32.12
C TYR A 245 -16.83 -0.03 -33.44
N PRO A 246 -17.57 0.03 -34.58
CA PRO A 246 -17.02 0.15 -35.95
C PRO A 246 -16.18 1.42 -36.10
N CYS A 247 -16.42 2.36 -35.20
CA CYS A 247 -15.68 3.61 -35.11
C CYS A 247 -14.33 3.52 -34.35
N GLY A 248 -13.99 2.31 -33.89
CA GLY A 248 -12.66 2.01 -33.36
C GLY A 248 -12.66 1.50 -31.94
N SER A 249 -12.93 2.40 -31.01
CA SER A 249 -13.05 2.11 -29.57
C SER A 249 -13.85 3.24 -28.97
N ILE A 250 -14.28 3.10 -27.71
CA ILE A 250 -14.92 4.22 -27.02
C ILE A 250 -14.24 4.42 -25.70
N GLY A 251 -14.00 5.69 -25.35
CA GLY A 251 -13.36 6.03 -24.08
C GLY A 251 -14.04 7.19 -23.38
N THR A 252 -13.51 7.55 -22.22
CA THR A 252 -14.01 8.72 -21.52
C THR A 252 -12.84 9.52 -20.99
N LEU A 253 -12.91 10.83 -21.20
CA LEU A 253 -11.96 11.76 -20.57
C LEU A 253 -12.48 12.12 -19.19
N VAL A 254 -11.68 11.83 -18.17
CA VAL A 254 -12.07 12.11 -16.79
C VAL A 254 -11.15 13.25 -16.29
N CYS A 255 -11.79 14.37 -15.97
CA CYS A 255 -11.11 15.65 -15.72
C CYS A 255 -11.42 16.16 -14.32
N SER A 256 -10.40 16.64 -13.65
CA SER A 256 -10.51 17.09 -12.28
C SER A 256 -10.24 18.57 -12.23
N LYS A 257 -11.18 19.32 -11.65
CA LYS A 257 -10.99 20.77 -11.43
C LYS A 257 -9.87 21.05 -10.43
N LYS A 258 -9.84 20.30 -9.34
CA LYS A 258 -8.77 20.38 -8.34
C LYS A 258 -7.48 19.70 -8.82
N ALA A 259 -6.35 20.40 -8.63
CA ALA A 259 -4.99 19.90 -8.88
C ALA A 259 -4.66 18.78 -7.90
N GLY A 260 -3.76 17.87 -8.28
CA GLY A 260 -3.32 16.79 -7.38
C GLY A 260 -4.29 15.65 -7.11
N VAL A 261 -5.41 15.60 -7.84
CA VAL A 261 -6.35 14.46 -7.77
C VAL A 261 -5.92 13.38 -8.78
N ASP A 262 -5.82 12.14 -8.32
CA ASP A 262 -5.54 10.99 -9.21
C ASP A 262 -6.84 10.23 -9.55
N VAL A 263 -7.47 10.60 -10.67
CA VAL A 263 -8.75 10.00 -11.05
C VAL A 263 -8.59 8.54 -11.48
N THR A 264 -7.35 8.12 -11.74
CA THR A 264 -7.08 6.71 -12.15
C THR A 264 -7.22 5.62 -11.06
N LYS A 265 -7.25 6.04 -9.80
CA LYS A 265 -7.46 5.11 -8.66
C LYS A 265 -8.73 5.59 -7.97
N PRO A 266 -9.73 4.69 -7.76
CA PRO A 266 -11.01 5.11 -7.17
C PRO A 266 -10.86 5.73 -5.80
N LEU A 267 -11.34 6.95 -5.68
CA LEU A 267 -11.31 7.68 -4.43
C LEU A 267 -12.33 7.14 -3.42
N ARG A 268 -13.50 6.72 -3.88
CA ARG A 268 -14.48 6.06 -3.02
C ARG A 268 -14.89 4.71 -3.61
N PRO A 269 -14.12 3.63 -3.28
CA PRO A 269 -14.36 2.34 -3.99
C PRO A 269 -15.82 1.91 -3.99
N VAL A 270 -16.29 1.45 -5.15
CA VAL A 270 -17.69 1.02 -5.33
C VAL A 270 -18.03 -0.20 -4.44
N GLU A 271 -17.01 -0.99 -4.09
CA GLU A 271 -17.14 -2.22 -3.30
C GLU A 271 -17.65 -1.95 -1.88
N ASP A 272 -17.39 -0.74 -1.37
CA ASP A 272 -17.88 -0.27 -0.06
C ASP A 272 -19.35 0.24 -0.07
N MET A 273 -20.01 0.21 -1.23
CA MET A 273 -21.35 0.77 -1.41
C MET A 273 -22.33 -0.39 -1.64
N PRO A 274 -23.63 -0.21 -1.28
CA PRO A 274 -24.49 -1.42 -1.27
C PRO A 274 -24.85 -2.00 -2.63
N PHE A 275 -24.69 -1.23 -3.71
CA PHE A 275 -25.11 -1.63 -5.04
C PHE A 275 -24.00 -2.24 -5.94
N ALA A 276 -22.78 -2.43 -5.41
CA ALA A 276 -21.61 -2.93 -6.16
C ALA A 276 -21.93 -4.21 -6.93
N LYS A 277 -22.70 -5.10 -6.30
CA LYS A 277 -23.02 -6.39 -6.94
C LYS A 277 -24.12 -6.33 -7.95
N ASP A 278 -24.82 -5.20 -8.04
CA ASP A 278 -25.79 -4.98 -9.11
C ASP A 278 -25.14 -4.64 -10.47
N LEU A 279 -23.85 -4.32 -10.48
CA LEU A 279 -23.17 -3.81 -11.68
C LEU A 279 -22.70 -4.98 -12.56
N LYS A 280 -22.82 -4.82 -13.87
CA LYS A 280 -22.45 -5.89 -14.79
C LYS A 280 -21.04 -5.70 -15.40
N TYR A 281 -20.52 -4.48 -15.38
CA TYR A 281 -19.20 -4.18 -15.95
C TYR A 281 -18.25 -3.58 -14.93
N TYR A 282 -18.64 -2.44 -14.35
CA TYR A 282 -17.75 -1.62 -13.53
C TYR A 282 -17.45 -2.25 -12.17
N ASP A 283 -16.19 -2.21 -11.77
CA ASP A 283 -15.70 -2.39 -10.39
C ASP A 283 -14.38 -1.63 -10.24
N SER A 284 -13.74 -1.69 -9.06
CA SER A 284 -12.44 -1.01 -8.84
C SER A 284 -11.30 -1.52 -9.71
N GLU A 285 -11.23 -2.84 -9.91
CA GLU A 285 -10.20 -3.48 -10.79
C GLU A 285 -10.33 -2.86 -12.20
N MET A 286 -11.56 -2.89 -12.75
CA MET A 286 -11.86 -2.31 -14.07
C MET A 286 -11.59 -0.80 -14.15
N HIS A 287 -11.94 -0.07 -13.08
CA HIS A 287 -11.62 1.35 -12.98
C HIS A 287 -10.11 1.59 -13.21
N LYS A 288 -9.29 0.94 -12.40
CA LYS A 288 -7.82 1.07 -12.50
C LYS A 288 -7.32 0.64 -13.86
N ALA A 289 -7.83 -0.50 -14.35
CA ALA A 289 -7.34 -1.04 -15.62
C ALA A 289 -7.66 -0.12 -16.80
N SER A 290 -8.79 0.58 -16.72
CA SER A 290 -9.32 1.33 -17.84
C SER A 290 -8.37 2.47 -18.27
N PHE A 291 -7.56 2.95 -17.33
CA PHE A 291 -6.60 4.02 -17.62
C PHE A 291 -5.26 3.52 -18.20
N ALA A 292 -5.04 2.21 -18.26
CA ALA A 292 -3.83 1.65 -18.86
C ALA A 292 -4.06 1.63 -20.36
N LEU A 293 -3.24 2.37 -21.09
CA LEU A 293 -3.48 2.54 -22.50
C LEU A 293 -2.45 1.78 -23.36
N PRO A 294 -2.88 1.26 -24.52
CA PRO A 294 -1.85 0.70 -25.43
C PRO A 294 -0.66 1.68 -25.55
N ARG A 295 0.55 1.14 -25.66
CA ARG A 295 1.78 1.99 -25.80
C ARG A 295 1.62 3.12 -26.78
N PHE A 296 1.06 2.89 -27.96
CA PHE A 296 0.98 3.97 -28.98
C PHE A 296 0.14 5.19 -28.51
N ALA A 297 -0.81 4.94 -27.59
CA ALA A 297 -1.74 5.98 -27.11
C ALA A 297 -1.38 6.48 -25.71
N ARG A 298 -0.33 5.90 -25.13
CA ARG A 298 0.00 6.19 -23.72
C ARG A 298 0.21 7.69 -23.42
N HIS A 299 0.68 8.44 -24.42
CA HIS A 299 1.09 9.84 -24.26
C HIS A 299 -0.17 10.70 -23.98
N ILE A 300 -1.37 10.19 -24.34
CA ILE A 300 -2.62 10.78 -23.85
C ILE A 300 -2.64 11.01 -22.31
N ASN A 301 -2.23 10.02 -21.54
CA ASN A 301 -2.32 10.05 -20.06
C ASN A 301 -1.01 10.37 -19.34
N ASN A 302 0.12 10.17 -20.03
CA ASN A 302 1.50 10.13 -19.44
C ASN A 302 1.63 9.19 -18.24
N GLU B 13 -13.77 -15.81 -56.00
CA GLU B 13 -15.09 -15.16 -56.25
C GLU B 13 -15.12 -13.65 -55.94
N LEU B 14 -14.27 -13.20 -55.00
CA LEU B 14 -14.17 -11.77 -54.65
C LEU B 14 -13.56 -10.98 -55.80
N ILE B 15 -14.06 -9.75 -56.03
CA ILE B 15 -13.41 -8.86 -57.03
C ILE B 15 -13.09 -7.44 -56.52
N SER B 16 -12.08 -6.84 -57.11
CA SER B 16 -11.69 -5.48 -56.82
C SER B 16 -12.85 -4.49 -57.05
N GLY B 17 -13.12 -3.68 -56.02
CA GLY B 17 -14.24 -2.71 -56.03
C GLY B 17 -15.49 -3.26 -55.39
N GLY B 18 -15.53 -4.58 -55.23
CA GLY B 18 -16.59 -5.26 -54.49
C GLY B 18 -16.32 -5.10 -52.99
N TRP B 19 -17.21 -5.65 -52.18
CA TRP B 19 -17.06 -5.60 -50.74
C TRP B 19 -16.89 -6.99 -50.18
N PHE B 20 -15.96 -7.15 -49.26
CA PHE B 20 -15.83 -8.41 -48.50
C PHE B 20 -16.78 -8.35 -47.30
N ARG B 21 -17.67 -9.33 -47.17
CA ARG B 21 -18.63 -9.39 -46.07
C ARG B 21 -18.29 -10.53 -45.11
N GLU B 22 -18.29 -10.23 -43.81
CA GLU B 22 -18.04 -11.20 -42.76
C GLU B 22 -19.28 -11.37 -41.90
N GLU B 23 -19.77 -12.59 -41.76
CA GLU B 23 -20.88 -12.90 -40.84
C GLU B 23 -20.48 -13.97 -39.82
N ASN B 24 -21.15 -13.96 -38.66
CA ASN B 24 -20.87 -14.89 -37.54
C ASN B 24 -22.12 -15.68 -37.11
N ASP B 25 -22.02 -17.00 -37.08
CA ASP B 25 -23.11 -17.89 -36.59
C ASP B 25 -23.60 -17.57 -35.17
N GLN B 26 -22.65 -17.24 -34.28
CA GLN B 26 -22.92 -16.80 -32.90
C GLN B 26 -23.71 -15.48 -32.82
N TRP B 27 -23.40 -14.56 -33.73
CA TRP B 27 -24.09 -13.27 -33.83
C TRP B 27 -24.86 -13.11 -35.16
N PRO B 28 -25.99 -13.88 -35.33
CA PRO B 28 -26.73 -13.73 -36.58
C PRO B 28 -27.42 -12.38 -36.61
N GLY B 29 -27.57 -11.83 -37.82
CA GLY B 29 -28.24 -10.55 -37.99
C GLY B 29 -27.24 -9.43 -37.90
N GLN B 30 -25.95 -9.78 -37.94
CA GLN B 30 -24.87 -8.80 -37.91
C GLN B 30 -23.87 -9.13 -39.01
N ALA B 31 -23.38 -8.10 -39.67
CA ALA B 31 -22.37 -8.30 -40.70
C ALA B 31 -21.42 -7.16 -40.66
N MET B 32 -20.17 -7.47 -40.91
CA MET B 32 -19.08 -6.49 -41.02
C MET B 32 -18.53 -6.55 -42.46
N SER B 33 -18.41 -5.40 -43.13
CA SER B 33 -17.95 -5.38 -44.54
C SER B 33 -16.78 -4.44 -44.78
N LEU B 34 -15.88 -4.86 -45.66
CA LEU B 34 -14.78 -4.03 -46.14
C LEU B 34 -14.79 -3.98 -47.68
N ARG B 35 -14.64 -2.78 -48.22
CA ARG B 35 -14.40 -2.59 -49.64
C ARG B 35 -13.07 -3.17 -50.02
N VAL B 36 -13.08 -3.91 -51.14
CA VAL B 36 -11.90 -4.57 -51.69
C VAL B 36 -11.28 -3.69 -52.78
N GLU B 37 -10.06 -3.18 -52.52
CA GLU B 37 -9.38 -2.38 -53.52
C GLU B 37 -8.80 -3.29 -54.57
N LYS B 38 -8.12 -4.36 -54.12
CA LYS B 38 -7.46 -5.30 -55.00
C LYS B 38 -7.38 -6.70 -54.39
N VAL B 39 -7.88 -7.71 -55.13
CA VAL B 39 -7.76 -9.11 -54.70
C VAL B 39 -6.31 -9.56 -54.92
N LEU B 40 -5.72 -10.17 -53.89
CA LEU B 40 -4.34 -10.64 -53.96
C LEU B 40 -4.26 -12.14 -53.98
N TYR B 41 -5.27 -12.79 -53.42
CA TYR B 41 -5.34 -14.23 -53.40
C TYR B 41 -6.75 -14.57 -53.02
N ASP B 42 -7.33 -15.53 -53.73
CA ASP B 42 -8.64 -16.06 -53.39
C ASP B 42 -8.82 -17.48 -53.94
N ALA B 43 -8.46 -18.48 -53.13
CA ALA B 43 -8.53 -19.89 -53.55
C ALA B 43 -8.71 -20.81 -52.34
N PRO B 44 -9.40 -21.98 -52.53
CA PRO B 44 -9.24 -23.03 -51.53
C PRO B 44 -7.77 -23.47 -51.45
N THR B 45 -7.42 -23.89 -50.25
CA THR B 45 -6.12 -24.39 -49.92
C THR B 45 -6.42 -25.89 -49.64
N LYS B 46 -5.41 -26.70 -49.32
CA LYS B 46 -5.67 -28.09 -48.86
C LYS B 46 -6.55 -28.18 -47.60
N PHE B 47 -6.57 -27.10 -46.80
CA PHE B 47 -7.26 -27.11 -45.51
C PHE B 47 -8.36 -26.08 -45.29
N GLN B 48 -8.33 -24.97 -46.02
CA GLN B 48 -9.27 -23.86 -45.76
C GLN B 48 -9.35 -22.88 -46.93
N HIS B 49 -10.38 -22.06 -46.97
CA HIS B 49 -10.39 -20.95 -47.92
C HIS B 49 -9.46 -19.83 -47.48
N LEU B 50 -8.57 -19.39 -48.39
CA LEU B 50 -7.63 -18.32 -48.13
C LEU B 50 -7.90 -17.11 -49.05
N THR B 51 -8.15 -15.98 -48.41
CA THR B 51 -8.52 -14.74 -49.08
C THR B 51 -7.59 -13.65 -48.59
N ILE B 52 -6.83 -13.08 -49.53
CA ILE B 52 -6.01 -11.92 -49.23
C ILE B 52 -6.39 -10.77 -50.15
N PHE B 53 -6.61 -9.59 -49.58
CA PHE B 53 -6.94 -8.40 -50.40
C PHE B 53 -6.40 -7.16 -49.75
N GLU B 54 -6.11 -6.19 -50.61
CA GLU B 54 -5.79 -4.85 -50.21
C GLU B 54 -7.12 -4.12 -50.01
N SER B 55 -7.33 -3.57 -48.81
CA SER B 55 -8.59 -2.90 -48.47
C SER B 55 -8.53 -1.47 -48.98
N ASP B 56 -9.53 -0.67 -48.67
CA ASP B 56 -9.65 0.68 -49.23
C ASP B 56 -8.48 1.54 -48.75
N PRO B 57 -7.67 2.11 -49.68
CA PRO B 57 -6.51 2.94 -49.28
C PRO B 57 -6.86 4.24 -48.56
N LYS B 58 -8.13 4.62 -48.58
CA LYS B 58 -8.61 5.71 -47.73
C LYS B 58 -8.87 5.26 -46.28
N GLY B 59 -9.04 3.94 -46.09
CA GLY B 59 -9.24 3.34 -44.76
C GLY B 59 -7.92 2.93 -44.12
N PRO B 60 -7.96 2.51 -42.83
CA PRO B 60 -6.68 2.26 -42.18
C PRO B 60 -6.12 0.85 -42.33
N TRP B 61 -6.90 -0.08 -42.88
CA TRP B 61 -6.63 -1.50 -42.68
C TRP B 61 -5.43 -2.10 -43.40
N GLY B 62 -5.10 -1.55 -44.57
CA GLY B 62 -4.06 -2.13 -45.44
C GLY B 62 -4.46 -3.48 -45.98
N THR B 63 -3.48 -4.39 -46.07
CA THR B 63 -3.72 -5.77 -46.50
C THR B 63 -4.43 -6.57 -45.43
N VAL B 64 -5.37 -7.39 -45.86
CA VAL B 64 -6.29 -8.12 -45.02
C VAL B 64 -6.23 -9.59 -45.45
N MET B 65 -6.02 -10.47 -44.46
CA MET B 65 -6.16 -11.91 -44.65
C MET B 65 -7.40 -12.51 -43.93
N ALA B 66 -8.18 -13.30 -44.67
CA ALA B 66 -9.28 -14.06 -44.10
C ALA B 66 -9.06 -15.56 -44.29
N LEU B 67 -9.46 -16.35 -43.29
CA LEU B 67 -9.46 -17.80 -43.43
C LEU B 67 -10.86 -18.32 -43.24
N ASP B 68 -11.35 -19.05 -44.24
CA ASP B 68 -12.74 -19.52 -44.26
C ASP B 68 -13.73 -18.40 -43.96
N GLY B 69 -13.51 -17.25 -44.58
CA GLY B 69 -14.42 -16.09 -44.47
C GLY B 69 -14.29 -15.21 -43.24
N CYS B 70 -13.33 -15.54 -42.38
CA CYS B 70 -13.12 -14.81 -41.14
C CYS B 70 -11.75 -14.13 -41.17
N ILE B 71 -11.75 -12.81 -41.01
CA ILE B 71 -10.51 -12.04 -41.01
C ILE B 71 -9.61 -12.49 -39.86
N GLN B 72 -8.35 -12.78 -40.17
CA GLN B 72 -7.39 -13.21 -39.15
C GLN B 72 -6.20 -12.23 -38.94
N VAL B 73 -5.85 -11.47 -39.98
CA VAL B 73 -4.70 -10.56 -39.96
C VAL B 73 -5.03 -9.32 -40.81
N THR B 74 -4.68 -8.14 -40.28
CA THR B 74 -4.63 -6.92 -41.07
C THR B 74 -3.34 -6.21 -40.73
N ASP B 75 -2.84 -5.39 -41.67
CA ASP B 75 -1.59 -4.66 -41.46
C ASP B 75 -1.68 -3.71 -40.29
N TYR B 76 -2.84 -3.11 -40.13
CA TYR B 76 -3.05 -2.06 -39.17
C TYR B 76 -3.07 -2.55 -37.72
N ASP B 77 -3.79 -3.65 -37.43
CA ASP B 77 -3.98 -4.09 -36.03
C ASP B 77 -3.14 -5.31 -35.57
N GLU B 78 -2.42 -5.96 -36.51
CA GLU B 78 -1.73 -7.23 -36.21
C GLU B 78 -0.85 -7.19 -34.98
N PHE B 79 -0.22 -6.03 -34.75
CA PHE B 79 0.65 -5.79 -33.59
C PHE B 79 -0.02 -6.08 -32.24
N VAL B 80 -1.33 -5.86 -32.16
CA VAL B 80 -2.05 -6.11 -30.91
C VAL B 80 -1.97 -7.58 -30.47
N TYR B 81 -2.60 -8.46 -31.22
CA TYR B 81 -2.72 -9.87 -30.84
C TYR B 81 -1.33 -10.52 -30.87
N HIS B 82 -0.47 -10.08 -31.77
CA HIS B 82 0.89 -10.63 -31.81
C HIS B 82 1.73 -10.29 -30.60
N GLU B 83 1.68 -9.02 -30.18
CA GLU B 83 2.42 -8.62 -29.02
C GLU B 83 1.84 -9.23 -27.74
N VAL B 84 0.52 -9.22 -27.64
CA VAL B 84 -0.09 -9.81 -26.47
C VAL B 84 0.27 -11.29 -26.30
N LEU B 85 0.09 -12.10 -27.34
CA LEU B 85 0.38 -13.53 -27.24
C LEU B 85 1.88 -13.77 -26.99
N GLY B 86 2.74 -13.02 -27.69
CA GLY B 86 4.19 -13.22 -27.61
C GLY B 86 4.74 -12.79 -26.25
N HIS B 87 4.39 -11.60 -25.81
CA HIS B 87 4.99 -11.06 -24.60
C HIS B 87 4.31 -11.45 -23.27
N THR B 88 2.99 -11.60 -23.25
CA THR B 88 2.32 -11.94 -21.98
C THR B 88 2.83 -13.35 -21.54
N SER B 89 3.00 -14.26 -22.51
CA SER B 89 3.54 -15.60 -22.22
C SER B 89 5.02 -15.55 -21.81
N LEU B 90 5.89 -15.01 -22.68
CA LEU B 90 7.32 -15.00 -22.42
C LEU B 90 7.73 -14.23 -21.19
N CYS B 91 7.04 -13.11 -20.91
CA CYS B 91 7.28 -12.34 -19.70
C CYS B 91 6.70 -12.96 -18.43
N SER B 92 5.95 -14.05 -18.58
CA SER B 92 5.53 -14.82 -17.42
C SER B 92 6.47 -15.99 -17.10
N HIS B 93 7.52 -16.17 -17.90
CA HIS B 93 8.42 -17.32 -17.75
C HIS B 93 9.77 -16.85 -17.23
N PRO B 94 10.40 -17.63 -16.29
CA PRO B 94 11.71 -17.16 -15.77
C PRO B 94 12.84 -17.10 -16.77
N LYS B 95 12.83 -17.96 -17.77
CA LYS B 95 13.93 -18.00 -18.75
C LYS B 95 13.46 -18.80 -19.96
N PRO B 96 12.73 -18.14 -20.90
CA PRO B 96 12.18 -18.99 -21.96
C PRO B 96 13.22 -19.19 -23.06
N GLU B 97 13.68 -20.44 -23.19
CA GLU B 97 14.75 -20.77 -24.16
C GLU B 97 14.25 -21.50 -25.36
N ARG B 98 13.28 -22.41 -25.17
CA ARG B 98 12.75 -23.22 -26.23
C ARG B 98 11.23 -22.98 -26.32
N VAL B 99 10.76 -22.49 -27.48
CA VAL B 99 9.35 -22.07 -27.62
C VAL B 99 8.69 -22.84 -28.75
N LEU B 100 7.45 -23.30 -28.53
CA LEU B 100 6.64 -23.85 -29.59
C LEU B 100 5.49 -22.87 -29.95
N ILE B 101 5.27 -22.66 -31.25
CA ILE B 101 4.07 -21.97 -31.72
C ILE B 101 3.31 -22.97 -32.55
N ILE B 102 2.05 -23.18 -32.20
CA ILE B 102 1.11 -23.96 -33.01
C ILE B 102 0.22 -22.98 -33.79
N GLY B 103 0.12 -23.15 -35.12
CA GLY B 103 -0.53 -22.17 -36.00
C GLY B 103 0.49 -21.06 -36.21
N GLY B 104 0.02 -19.80 -36.23
CA GLY B 104 0.91 -18.65 -36.43
C GLY B 104 1.70 -18.64 -37.75
N GLY B 105 1.11 -19.24 -38.79
CA GLY B 105 1.71 -19.33 -40.14
C GLY B 105 2.15 -18.00 -40.76
N ASP B 106 1.45 -16.92 -40.38
CA ASP B 106 1.77 -15.54 -40.79
C ASP B 106 3.09 -14.99 -40.24
N GLY B 107 3.59 -15.57 -39.14
CA GLY B 107 4.87 -15.17 -38.61
C GLY B 107 4.86 -14.15 -37.46
N GLY B 108 3.68 -13.60 -37.15
CA GLY B 108 3.54 -12.45 -36.22
C GLY B 108 3.98 -12.75 -34.81
N VAL B 109 3.41 -13.81 -34.25
CA VAL B 109 3.83 -14.28 -32.94
C VAL B 109 5.34 -14.58 -32.88
N LEU B 110 5.85 -15.24 -33.92
CA LEU B 110 7.26 -15.64 -33.99
C LEU B 110 8.15 -14.39 -33.96
N ARG B 111 7.79 -13.36 -34.73
CA ARG B 111 8.52 -12.08 -34.70
C ARG B 111 8.61 -11.57 -33.28
N GLU B 112 7.52 -11.67 -32.51
CA GLU B 112 7.50 -11.17 -31.15
C GLU B 112 8.28 -12.05 -30.19
N VAL B 113 8.11 -13.36 -30.31
CA VAL B 113 8.94 -14.32 -29.57
C VAL B 113 10.47 -14.06 -29.76
N LEU B 114 10.88 -13.89 -31.01
CA LEU B 114 12.31 -13.75 -31.38
C LEU B 114 12.92 -12.44 -30.91
N ARG B 115 12.10 -11.46 -30.46
CA ARG B 115 12.66 -10.28 -29.84
C ARG B 115 13.34 -10.60 -28.54
N HIS B 116 12.89 -11.67 -27.88
CA HIS B 116 13.45 -12.06 -26.59
C HIS B 116 14.82 -12.75 -26.75
N GLY B 117 15.82 -12.20 -26.04
CA GLY B 117 17.23 -12.65 -26.12
C GLY B 117 17.44 -14.03 -25.51
N THR B 118 16.56 -14.41 -24.58
CA THR B 118 16.62 -15.72 -23.95
C THR B 118 16.21 -16.88 -24.85
N VAL B 119 15.54 -16.60 -25.96
CA VAL B 119 15.05 -17.67 -26.85
C VAL B 119 16.21 -18.17 -27.71
N GLU B 120 16.50 -19.47 -27.62
CA GLU B 120 17.59 -20.08 -28.42
C GLU B 120 16.99 -20.69 -29.65
N HIS B 121 15.78 -21.24 -29.50
CA HIS B 121 15.12 -21.86 -30.61
C HIS B 121 13.59 -21.80 -30.48
N CYS B 122 12.92 -21.55 -31.59
CA CYS B 122 11.48 -21.58 -31.59
C CYS B 122 11.05 -22.49 -32.70
N ASP B 123 10.25 -23.51 -32.38
CA ASP B 123 9.55 -24.32 -33.41
C ASP B 123 8.20 -23.76 -33.75
N LEU B 124 7.87 -23.71 -35.05
CA LEU B 124 6.55 -23.27 -35.46
C LEU B 124 5.96 -24.33 -36.34
N VAL B 125 4.73 -24.72 -36.03
CA VAL B 125 4.02 -25.71 -36.80
C VAL B 125 2.68 -25.17 -37.22
N ASP B 126 2.51 -24.97 -38.51
CA ASP B 126 1.22 -24.60 -39.06
C ASP B 126 0.81 -25.63 -40.11
N ILE B 127 -0.44 -26.08 -40.03
CA ILE B 127 -0.96 -27.09 -40.93
C ILE B 127 -0.97 -26.65 -42.40
N ASP B 128 -0.97 -25.32 -42.67
CA ASP B 128 -1.32 -24.85 -44.00
C ASP B 128 -0.14 -24.11 -44.58
N GLY B 129 0.58 -24.79 -45.48
CA GLY B 129 1.78 -24.24 -46.08
C GLY B 129 1.51 -23.07 -46.97
N GLU B 130 0.31 -23.00 -47.55
CA GLU B 130 -0.08 -21.83 -48.36
C GLU B 130 -0.24 -20.53 -47.52
N VAL B 131 -0.67 -20.65 -46.26
CA VAL B 131 -0.76 -19.46 -45.38
C VAL B 131 0.64 -18.83 -45.24
N MET B 132 1.63 -19.67 -44.96
CA MET B 132 3.03 -19.23 -44.85
C MET B 132 3.62 -18.64 -46.13
N GLU B 133 3.28 -19.25 -47.27
CA GLU B 133 3.69 -18.78 -48.60
C GLU B 133 3.08 -17.43 -48.89
N GLN B 134 1.76 -17.33 -48.72
CA GLN B 134 1.03 -16.07 -49.00
C GLN B 134 1.42 -14.93 -48.03
N SER B 135 1.79 -15.29 -46.80
CA SER B 135 2.28 -14.29 -45.82
C SER B 135 3.65 -13.76 -46.21
N LYS B 136 4.55 -14.65 -46.69
CA LYS B 136 5.84 -14.20 -47.26
C LYS B 136 5.65 -13.22 -48.40
N GLN B 137 4.69 -13.49 -49.28
CA GLN B 137 4.41 -12.64 -50.44
C GLN B 137 3.73 -11.30 -50.07
N HIS B 138 2.69 -11.34 -49.22
CA HIS B 138 1.81 -10.18 -49.04
C HIS B 138 1.86 -9.51 -47.67
N PHE B 139 2.57 -10.10 -46.72
CA PHE B 139 2.78 -9.53 -45.42
C PHE B 139 4.23 -9.65 -44.98
N PRO B 140 5.19 -9.07 -45.76
CA PRO B 140 6.62 -9.26 -45.40
C PRO B 140 7.02 -8.74 -44.00
N GLN B 141 6.35 -7.69 -43.53
CA GLN B 141 6.61 -7.11 -42.20
C GLN B 141 6.16 -8.03 -41.04
N ILE B 142 5.34 -9.03 -41.36
CA ILE B 142 4.85 -9.99 -40.39
C ILE B 142 5.65 -11.31 -40.50
N SER B 143 5.96 -11.70 -41.73
CA SER B 143 6.47 -13.03 -42.09
C SER B 143 8.00 -13.15 -42.19
N ARG B 144 8.69 -12.00 -42.15
CA ARG B 144 10.16 -11.95 -42.20
C ARG B 144 10.76 -12.95 -41.20
N SER B 145 10.15 -13.03 -40.02
CA SER B 145 10.53 -13.94 -38.90
C SER B 145 10.63 -15.40 -39.33
N LEU B 146 9.81 -15.82 -40.28
CA LEU B 146 9.80 -17.24 -40.72
C LEU B 146 11.14 -17.69 -41.31
N ALA B 147 11.95 -16.74 -41.80
CA ALA B 147 13.29 -17.02 -42.32
C ALA B 147 14.38 -17.04 -41.27
N ASP B 148 14.07 -16.71 -40.02
CA ASP B 148 15.11 -16.56 -39.00
C ASP B 148 15.77 -17.91 -38.68
N PRO B 149 17.13 -17.93 -38.56
CA PRO B 149 17.80 -19.23 -38.27
C PRO B 149 17.45 -19.74 -36.85
N ARG B 150 16.85 -18.89 -36.00
CA ARG B 150 16.51 -19.37 -34.63
C ARG B 150 15.18 -20.10 -34.62
N ALA B 151 14.52 -20.08 -35.77
CA ALA B 151 13.22 -20.70 -35.98
C ALA B 151 13.34 -21.96 -36.84
N THR B 152 12.48 -22.95 -36.59
CA THR B 152 12.26 -24.03 -37.53
C THR B 152 10.79 -24.06 -37.78
N VAL B 153 10.41 -23.85 -39.03
CA VAL B 153 9.04 -23.71 -39.48
C VAL B 153 8.68 -24.97 -40.22
N ARG B 154 7.63 -25.66 -39.75
CA ARG B 154 7.19 -26.94 -40.31
C ARG B 154 5.75 -26.81 -40.69
N VAL B 155 5.42 -27.47 -41.81
CA VAL B 155 4.06 -27.62 -42.27
C VAL B 155 3.56 -28.94 -41.70
N GLY B 156 2.55 -28.87 -40.83
CA GLY B 156 1.94 -30.08 -40.28
C GLY B 156 0.87 -29.77 -39.26
N ASP B 157 0.12 -30.79 -38.90
CA ASP B 157 -0.91 -30.71 -37.86
C ASP B 157 -0.21 -30.59 -36.49
N GLY B 158 -0.55 -29.53 -35.74
CA GLY B 158 -0.07 -29.36 -34.36
C GLY B 158 -0.49 -30.47 -33.40
N LEU B 159 -1.63 -31.10 -33.67
CA LEU B 159 -2.16 -32.17 -32.82
C LEU B 159 -1.17 -33.35 -32.85
N ALA B 160 -0.81 -33.78 -34.06
CA ALA B 160 0.13 -34.86 -34.27
C ALA B 160 1.50 -34.40 -33.78
N PHE B 161 1.89 -33.16 -34.09
CA PHE B 161 3.19 -32.65 -33.63
C PHE B 161 3.42 -32.75 -32.12
N VAL B 162 2.43 -32.32 -31.33
CA VAL B 162 2.61 -32.40 -29.87
C VAL B 162 2.54 -33.83 -29.33
N ARG B 163 1.76 -34.69 -30.00
CA ARG B 163 1.68 -36.12 -29.66
C ARG B 163 3.06 -36.78 -29.79
N GLN B 164 3.84 -36.37 -30.80
CA GLN B 164 5.14 -36.98 -31.05
C GLN B 164 6.30 -36.23 -30.43
N THR B 165 5.99 -35.23 -29.62
CA THR B 165 7.00 -34.46 -28.93
C THR B 165 7.35 -35.13 -27.61
N PRO B 166 8.65 -35.26 -27.24
CA PRO B 166 8.93 -35.89 -25.92
C PRO B 166 8.48 -35.01 -24.78
N ASP B 167 8.31 -35.62 -23.59
CA ASP B 167 8.04 -34.89 -22.37
C ASP B 167 9.05 -33.80 -22.16
N ASN B 168 8.63 -32.72 -21.50
CA ASN B 168 9.55 -31.67 -21.05
C ASN B 168 10.47 -31.13 -22.15
N THR B 169 9.90 -30.79 -23.31
CA THR B 169 10.68 -30.22 -24.39
C THR B 169 10.66 -28.67 -24.40
N TYR B 170 9.50 -28.06 -24.06
CA TYR B 170 9.32 -26.62 -24.24
C TYR B 170 9.19 -25.86 -22.93
N ASP B 171 9.71 -24.64 -22.94
CA ASP B 171 9.45 -23.66 -21.86
C ASP B 171 8.09 -22.95 -22.05
N VAL B 172 7.72 -22.64 -23.30
CA VAL B 172 6.45 -21.93 -23.60
C VAL B 172 5.81 -22.62 -24.81
N VAL B 173 4.52 -22.89 -24.73
CA VAL B 173 3.76 -23.29 -25.92
C VAL B 173 2.70 -22.19 -26.20
N ILE B 174 2.67 -21.66 -27.42
CA ILE B 174 1.69 -20.62 -27.82
C ILE B 174 0.81 -21.20 -28.92
N ILE B 175 -0.49 -21.22 -28.68
CA ILE B 175 -1.45 -21.79 -29.62
C ILE B 175 -2.17 -20.62 -30.31
N ASP B 176 -1.73 -20.35 -31.54
CA ASP B 176 -2.20 -19.22 -32.31
C ASP B 176 -3.06 -19.69 -33.47
N THR B 177 -4.23 -20.22 -33.15
CA THR B 177 -5.04 -20.89 -34.18
C THR B 177 -6.33 -20.14 -34.52
N THR B 178 -7.19 -20.75 -35.35
CA THR B 178 -8.42 -20.13 -35.86
C THR B 178 -9.64 -20.20 -34.93
N ALA B 184 -8.04 -27.12 -36.67
CA ALA B 184 -8.57 -26.02 -35.87
C ALA B 184 -9.23 -26.47 -34.54
N SER B 185 -10.33 -27.22 -34.64
CA SER B 185 -11.25 -27.46 -33.50
C SER B 185 -10.82 -28.45 -32.40
N LYS B 186 -9.86 -29.35 -32.68
CA LYS B 186 -9.37 -30.26 -31.62
C LYS B 186 -8.39 -29.58 -30.65
N LEU B 187 -7.92 -28.37 -31.01
CA LEU B 187 -6.86 -27.63 -30.31
C LEU B 187 -7.29 -26.83 -29.06
N ALA B 191 -7.28 -34.13 -24.33
CA ALA B 191 -6.34 -34.98 -25.05
C ALA B 191 -5.14 -34.19 -25.63
N PHE B 192 -5.44 -33.10 -26.36
CA PHE B 192 -4.42 -32.17 -26.88
C PHE B 192 -3.76 -31.40 -25.74
N TYR B 193 -4.60 -30.82 -24.87
CA TYR B 193 -4.13 -30.06 -23.69
C TYR B 193 -3.34 -30.89 -22.67
N LYS B 194 -3.63 -32.18 -22.62
CA LYS B 194 -2.83 -33.10 -21.83
C LYS B 194 -1.42 -33.26 -22.43
N ASP B 195 -1.35 -33.38 -23.76
CA ASP B 195 -0.07 -33.41 -24.45
C ASP B 195 0.71 -32.14 -24.23
N VAL B 196 0.02 -30.98 -24.26
CA VAL B 196 0.69 -29.69 -24.10
C VAL B 196 1.32 -29.63 -22.71
N LEU B 197 0.55 -30.05 -21.70
CA LEU B 197 1.03 -30.06 -20.33
C LEU B 197 2.26 -30.99 -20.20
N ARG B 198 2.20 -32.15 -20.84
CA ARG B 198 3.28 -33.17 -20.84
C ARG B 198 4.58 -32.63 -21.53
N ILE B 199 4.44 -31.88 -22.63
CA ILE B 199 5.63 -31.42 -23.40
C ILE B 199 6.27 -30.20 -22.80
N LEU B 200 5.55 -29.58 -21.86
CA LEU B 200 6.09 -28.47 -21.12
C LEU B 200 7.02 -28.95 -20.01
N LYS B 201 8.13 -28.23 -19.85
CA LYS B 201 9.02 -28.35 -18.72
C LYS B 201 8.30 -27.88 -17.45
N PRO B 202 8.85 -28.16 -16.24
CA PRO B 202 8.09 -27.83 -15.00
C PRO B 202 7.71 -26.35 -14.77
N ASP B 203 8.55 -25.39 -15.17
CA ASP B 203 8.14 -23.97 -15.15
C ASP B 203 7.29 -23.53 -16.37
N GLY B 204 6.64 -24.46 -17.06
CA GLY B 204 6.09 -24.21 -18.40
C GLY B 204 4.92 -23.24 -18.39
N ILE B 205 4.78 -22.46 -19.48
CA ILE B 205 3.64 -21.55 -19.70
C ILE B 205 3.02 -21.89 -21.06
N CYS B 206 1.70 -22.09 -21.06
CA CYS B 206 0.91 -22.28 -22.28
C CYS B 206 0.04 -21.04 -22.45
N CYS B 207 -0.05 -20.53 -23.68
CA CYS B 207 -1.10 -19.56 -23.90
C CYS B 207 -1.79 -19.75 -25.22
N ASN B 208 -3.06 -19.37 -25.25
CA ASN B 208 -3.86 -19.68 -26.42
C ASN B 208 -4.67 -18.48 -26.89
N GLN B 209 -5.04 -18.46 -28.17
CA GLN B 209 -6.01 -17.50 -28.67
C GLN B 209 -7.31 -17.99 -28.04
N GLY B 210 -7.94 -17.10 -27.27
CA GLY B 210 -8.89 -17.52 -26.24
C GLY B 210 -10.38 -17.31 -26.45
N GLU B 211 -10.80 -16.78 -27.59
CA GLU B 211 -12.24 -16.47 -27.80
C GLU B 211 -12.79 -15.31 -26.92
N SER B 212 -14.05 -14.92 -27.19
CA SER B 212 -14.69 -13.70 -26.68
C SER B 212 -15.54 -13.87 -25.43
N ILE B 213 -15.35 -12.98 -24.44
CA ILE B 213 -16.26 -12.95 -23.27
C ILE B 213 -17.68 -12.52 -23.68
N TRP B 214 -17.83 -11.84 -24.81
CA TRP B 214 -19.14 -11.47 -25.36
C TRP B 214 -19.84 -12.63 -26.10
N LEU B 215 -19.16 -13.23 -27.07
CA LEU B 215 -19.69 -14.30 -27.95
C LEU B 215 -19.85 -15.61 -27.20
N ASP B 216 -18.80 -16.01 -26.47
CA ASP B 216 -18.63 -17.37 -25.98
C ASP B 216 -18.14 -17.44 -24.53
N LEU B 217 -18.85 -16.80 -23.61
CA LEU B 217 -18.40 -16.81 -22.20
C LEU B 217 -18.37 -18.23 -21.63
N GLU B 218 -19.41 -18.99 -21.92
CA GLU B 218 -19.53 -20.37 -21.44
C GLU B 218 -18.38 -21.25 -21.93
N LEU B 219 -17.97 -21.06 -23.18
CA LEU B 219 -16.77 -21.73 -23.74
C LEU B 219 -15.49 -21.41 -22.95
N ILE B 220 -15.25 -20.13 -22.68
CA ILE B 220 -14.09 -19.74 -21.84
C ILE B 220 -14.16 -20.38 -20.46
N GLU B 221 -15.34 -20.32 -19.81
CA GLU B 221 -15.54 -20.97 -18.49
C GLU B 221 -15.19 -22.46 -18.61
N LYS B 222 -15.77 -23.11 -19.61
CA LYS B 222 -15.56 -24.55 -19.89
C LYS B 222 -14.06 -24.86 -20.12
N MET B 223 -13.45 -24.13 -21.06
CA MET B 223 -12.03 -24.31 -21.40
C MET B 223 -11.12 -24.10 -20.21
N SER B 224 -11.32 -22.99 -19.48
CA SER B 224 -10.54 -22.71 -18.26
C SER B 224 -10.58 -23.85 -17.25
N ARG B 225 -11.77 -24.41 -17.03
CA ARG B 225 -11.91 -25.53 -16.10
C ARG B 225 -11.32 -26.80 -16.67
N PHE B 226 -11.56 -27.09 -17.95
CA PHE B 226 -10.94 -28.32 -18.49
C PHE B 226 -9.40 -28.29 -18.55
N ILE B 227 -8.84 -27.09 -18.78
CA ILE B 227 -7.39 -26.86 -18.68
C ILE B 227 -6.82 -27.06 -17.25
N ARG B 228 -7.46 -26.48 -16.25
CA ARG B 228 -7.08 -26.73 -14.85
C ARG B 228 -7.20 -28.21 -14.46
N GLU B 229 -8.29 -28.85 -14.90
CA GLU B 229 -8.54 -30.27 -14.59
C GLU B 229 -7.62 -31.24 -15.34
N THR B 230 -7.12 -30.83 -16.51
CA THR B 230 -6.00 -31.52 -17.20
C THR B 230 -4.73 -31.59 -16.31
N GLY B 231 -4.58 -30.61 -15.43
CA GLY B 231 -3.46 -30.62 -14.49
C GLY B 231 -2.66 -29.33 -14.49
N PHE B 232 -3.07 -28.32 -15.28
CA PHE B 232 -2.40 -27.00 -15.18
C PHE B 232 -2.69 -26.44 -13.80
N ALA B 233 -1.71 -25.84 -13.16
CA ALA B 233 -1.91 -25.31 -11.83
C ALA B 233 -2.83 -24.09 -11.80
N SER B 234 -2.72 -23.22 -12.82
CA SER B 234 -3.55 -22.00 -12.90
C SER B 234 -3.74 -21.57 -14.34
N VAL B 235 -4.83 -20.84 -14.57
CA VAL B 235 -5.32 -20.42 -15.88
C VAL B 235 -5.96 -19.04 -15.58
N GLN B 236 -5.53 -18.03 -16.32
CA GLN B 236 -6.03 -16.67 -16.21
C GLN B 236 -6.29 -16.14 -17.60
N TYR B 237 -7.42 -15.48 -17.79
CA TYR B 237 -7.81 -14.98 -19.09
C TYR B 237 -7.52 -13.49 -19.19
N ALA B 238 -6.91 -13.11 -20.32
CA ALA B 238 -6.50 -11.76 -20.61
C ALA B 238 -7.28 -11.24 -21.81
N LEU B 239 -7.75 -10.02 -21.70
CA LEU B 239 -8.56 -9.37 -22.70
C LEU B 239 -7.69 -8.39 -23.49
N MET B 240 -7.96 -8.22 -24.77
CA MET B 240 -7.22 -7.20 -25.54
C MET B 240 -8.13 -6.22 -26.28
N HIS B 241 -7.59 -5.05 -26.57
CA HIS B 241 -8.33 -4.00 -27.27
C HIS B 241 -7.90 -4.00 -28.70
N VAL B 242 -8.74 -4.55 -29.54
CA VAL B 242 -8.52 -4.55 -30.99
C VAL B 242 -9.48 -3.48 -31.60
N PRO B 243 -9.11 -2.85 -32.73
CA PRO B 243 -9.99 -1.83 -33.33
C PRO B 243 -11.35 -2.30 -33.83
N THR B 244 -11.42 -3.52 -34.37
CA THR B 244 -12.73 -4.14 -34.62
C THR B 244 -12.72 -5.68 -34.36
N TYR B 245 -13.85 -6.20 -33.84
CA TYR B 245 -14.12 -7.64 -33.68
C TYR B 245 -15.62 -7.86 -33.43
N SER B 249 -15.16 -9.66 -28.60
CA SER B 249 -13.81 -9.46 -28.02
C SER B 249 -12.81 -10.58 -28.36
N ILE B 250 -11.51 -10.34 -28.20
CA ILE B 250 -10.52 -11.43 -28.30
C ILE B 250 -9.64 -11.50 -27.05
N GLY B 251 -9.45 -12.71 -26.54
CA GLY B 251 -8.71 -12.90 -25.30
C GLY B 251 -7.64 -13.97 -25.42
N THR B 252 -6.88 -14.15 -24.36
CA THR B 252 -5.94 -15.24 -24.30
C THR B 252 -6.00 -15.91 -22.94
N LEU B 253 -6.01 -17.23 -22.93
CA LEU B 253 -5.88 -18.00 -21.71
C LEU B 253 -4.39 -18.26 -21.45
N VAL B 254 -3.90 -17.83 -20.31
CA VAL B 254 -2.48 -17.90 -19.98
C VAL B 254 -2.42 -18.92 -18.84
N CYS B 255 -1.75 -20.02 -19.09
CA CYS B 255 -1.77 -21.19 -18.19
C CYS B 255 -0.39 -21.50 -17.68
N SER B 256 -0.29 -21.79 -16.39
CA SER B 256 0.98 -22.09 -15.76
C SER B 256 1.01 -23.55 -15.32
N LYS B 257 2.07 -24.26 -15.68
CA LYS B 257 2.21 -25.68 -15.27
C LYS B 257 2.52 -25.74 -13.78
N LYS B 258 3.40 -24.86 -13.33
CA LYS B 258 3.84 -24.82 -11.95
C LYS B 258 2.81 -24.11 -11.06
N ALA B 259 2.50 -24.73 -9.92
CA ALA B 259 1.69 -24.10 -8.86
C ALA B 259 2.37 -22.86 -8.25
N GLY B 260 1.55 -21.92 -7.75
CA GLY B 260 2.05 -20.69 -7.14
C GLY B 260 2.65 -19.64 -8.08
N VAL B 261 2.44 -19.76 -9.39
CA VAL B 261 2.85 -18.72 -10.36
C VAL B 261 1.69 -17.71 -10.53
N ASP B 262 1.98 -16.42 -10.41
CA ASP B 262 0.95 -15.40 -10.71
C ASP B 262 1.21 -14.74 -12.08
N VAL B 263 0.60 -15.27 -13.15
CA VAL B 263 0.89 -14.81 -14.51
C VAL B 263 0.38 -13.37 -14.74
N THR B 264 -0.48 -12.87 -13.84
CA THR B 264 -1.10 -11.55 -13.97
C THR B 264 -0.15 -10.40 -13.69
N LYS B 265 0.94 -10.66 -12.96
CA LYS B 265 2.00 -9.65 -12.80
C LYS B 265 3.23 -10.16 -13.52
N PRO B 266 3.81 -9.33 -14.44
CA PRO B 266 4.92 -9.77 -15.24
C PRO B 266 6.10 -10.32 -14.41
N LEU B 267 6.50 -11.55 -14.68
CA LEU B 267 7.67 -12.11 -13.96
C LEU B 267 8.96 -11.43 -14.42
N ARG B 268 9.10 -11.25 -15.73
CA ARG B 268 10.26 -10.60 -16.30
C ARG B 268 9.80 -9.35 -17.08
N PRO B 269 9.63 -8.20 -16.38
CA PRO B 269 9.02 -7.06 -17.07
C PRO B 269 9.78 -6.72 -18.36
N VAL B 270 9.02 -6.45 -19.43
CA VAL B 270 9.57 -6.10 -20.73
C VAL B 270 10.47 -4.83 -20.72
N GLU B 271 10.21 -3.94 -19.74
CA GLU B 271 10.85 -2.65 -19.64
C GLU B 271 12.35 -2.81 -19.40
N ASP B 272 12.77 -3.96 -18.86
CA ASP B 272 14.18 -4.32 -18.60
C ASP B 272 14.92 -4.92 -19.80
N MET B 273 14.27 -5.01 -20.96
CA MET B 273 14.80 -5.73 -22.10
C MET B 273 15.02 -4.65 -23.14
N PRO B 274 15.94 -4.85 -24.12
CA PRO B 274 16.27 -3.68 -24.98
C PRO B 274 15.22 -3.28 -26.01
N PHE B 275 14.23 -4.15 -26.27
CA PHE B 275 13.24 -3.90 -27.32
C PHE B 275 11.92 -3.28 -26.86
N ALA B 276 11.79 -2.97 -25.56
CA ALA B 276 10.50 -2.54 -24.94
C ALA B 276 9.87 -1.40 -25.70
N LYS B 277 10.74 -0.49 -26.14
CA LYS B 277 10.32 0.71 -26.81
C LYS B 277 9.95 0.52 -28.28
N ASP B 278 10.31 -0.62 -28.90
CA ASP B 278 9.80 -1.01 -30.24
C ASP B 278 8.31 -1.50 -30.24
N LEU B 279 7.75 -1.77 -29.07
CA LEU B 279 6.37 -2.34 -29.00
C LEU B 279 5.32 -1.26 -29.12
N LYS B 280 4.27 -1.54 -29.88
CA LYS B 280 3.21 -0.58 -30.13
C LYS B 280 1.99 -0.71 -29.21
N TYR B 281 1.81 -1.88 -28.57
CA TYR B 281 0.67 -2.14 -27.67
C TYR B 281 1.12 -2.53 -26.27
N TYR B 282 1.91 -3.60 -26.20
CA TYR B 282 2.22 -4.25 -24.93
C TYR B 282 3.23 -3.46 -24.07
N ASP B 283 2.96 -3.41 -22.76
CA ASP B 283 3.93 -3.04 -21.71
C ASP B 283 3.43 -3.64 -20.41
N SER B 284 4.11 -3.37 -19.30
CA SER B 284 3.74 -4.05 -18.04
C SER B 284 2.39 -3.59 -17.49
N GLU B 285 2.10 -2.31 -17.67
CA GLU B 285 0.80 -1.77 -17.29
C GLU B 285 -0.33 -2.44 -18.09
N MET B 286 -0.12 -2.62 -19.39
CA MET B 286 -1.11 -3.33 -20.22
C MET B 286 -1.29 -4.78 -19.84
N HIS B 287 -0.17 -5.44 -19.51
CA HIS B 287 -0.16 -6.81 -19.11
C HIS B 287 -1.08 -6.92 -17.88
N LYS B 288 -0.85 -6.07 -16.88
CA LYS B 288 -1.58 -6.21 -15.62
C LYS B 288 -3.06 -5.90 -15.83
N ALA B 289 -3.33 -4.84 -16.56
CA ALA B 289 -4.68 -4.40 -16.86
C ALA B 289 -5.49 -5.45 -17.64
N SER B 290 -4.83 -6.26 -18.48
CA SER B 290 -5.52 -7.16 -19.41
C SER B 290 -6.28 -8.24 -18.63
N PHE B 291 -5.83 -8.56 -17.42
CA PHE B 291 -6.47 -9.60 -16.58
C PHE B 291 -7.67 -9.07 -15.76
N ALA B 292 -7.91 -7.76 -15.82
CA ALA B 292 -9.10 -7.18 -15.18
C ALA B 292 -10.30 -7.39 -16.11
N LEU B 293 -11.27 -8.18 -15.69
CA LEU B 293 -12.37 -8.48 -16.61
C LEU B 293 -13.70 -7.73 -16.23
N PRO B 294 -14.54 -7.41 -17.21
CA PRO B 294 -15.85 -6.82 -16.80
C PRO B 294 -16.52 -7.74 -15.78
N ARG B 295 -17.19 -7.10 -14.83
CA ARG B 295 -17.68 -7.81 -13.65
C ARG B 295 -18.49 -9.07 -13.98
N PHE B 296 -19.34 -9.06 -15.01
CA PHE B 296 -20.07 -10.28 -15.42
C PHE B 296 -19.16 -11.49 -15.79
N ALA B 297 -17.93 -11.23 -16.21
CA ALA B 297 -16.95 -12.28 -16.63
C ALA B 297 -15.86 -12.50 -15.59
N ARG B 298 -15.87 -11.71 -14.52
CA ARG B 298 -14.73 -11.72 -13.58
C ARG B 298 -14.49 -13.07 -12.88
N HIS B 299 -15.56 -13.88 -12.74
CA HIS B 299 -15.47 -15.19 -12.11
C HIS B 299 -14.53 -16.13 -12.89
N ILE B 300 -14.35 -15.89 -14.19
CA ILE B 300 -13.28 -16.59 -14.97
C ILE B 300 -11.91 -16.58 -14.25
N ASN B 301 -11.51 -15.43 -13.73
CA ASN B 301 -10.16 -15.25 -13.14
C ASN B 301 -10.08 -15.22 -11.61
N ASN B 302 -11.21 -14.90 -10.97
CA ASN B 302 -11.34 -14.51 -9.55
C ASN B 302 -10.37 -13.43 -9.05
N GLY C 18 35.40 -9.28 14.83
CA GLY C 18 35.06 -7.85 14.61
C GLY C 18 33.99 -7.34 15.59
N TRP C 19 33.01 -8.19 15.95
CA TRP C 19 31.75 -7.72 16.51
C TRP C 19 31.37 -8.50 17.75
N PHE C 20 30.99 -7.78 18.81
CA PHE C 20 30.37 -8.40 19.99
C PHE C 20 28.87 -8.58 19.70
N ARG C 21 28.36 -9.81 19.87
CA ARG C 21 26.93 -10.14 19.67
C ARG C 21 26.24 -10.50 21.00
N GLU C 22 25.06 -9.90 21.22
CA GLU C 22 24.28 -10.16 22.40
C GLU C 22 22.94 -10.75 21.99
N GLU C 23 22.60 -11.89 22.59
CA GLU C 23 21.32 -12.51 22.39
C GLU C 23 20.76 -12.84 23.76
N ASN C 24 19.52 -13.31 23.83
CA ASN C 24 19.07 -14.25 24.89
C ASN C 24 17.82 -15.03 24.49
N ASP C 25 17.71 -16.23 25.08
CA ASP C 25 16.63 -17.21 24.80
C ASP C 25 15.21 -16.68 25.05
N GLN C 26 15.11 -15.70 25.96
CA GLN C 26 13.91 -14.84 26.01
C GLN C 26 14.23 -13.67 25.09
N PRO C 28 15.45 -14.24 20.91
CA PRO C 28 15.39 -15.55 20.24
C PRO C 28 14.97 -15.37 18.79
N GLY C 29 15.96 -15.40 17.90
CA GLY C 29 15.80 -15.00 16.52
C GLY C 29 16.02 -13.50 16.41
N GLN C 30 16.62 -12.93 17.45
CA GLN C 30 16.91 -11.50 17.55
C GLN C 30 18.30 -11.37 18.14
N ALA C 31 19.10 -10.46 17.61
CA ALA C 31 20.40 -10.15 18.19
C ALA C 31 20.75 -8.70 18.02
N MET C 32 21.58 -8.22 18.95
CA MET C 32 22.17 -6.92 18.88
C MET C 32 23.69 -7.06 18.80
N SER C 33 24.34 -6.25 17.96
CA SER C 33 25.78 -6.33 17.78
C SER C 33 26.49 -5.01 17.90
N LEU C 34 27.67 -5.04 18.50
CA LEU C 34 28.58 -3.89 18.50
C LEU C 34 29.95 -4.20 17.95
N ARG C 35 30.47 -3.34 17.09
CA ARG C 35 31.83 -3.45 16.57
C ARG C 35 32.85 -3.26 17.70
N VAL C 36 33.77 -4.22 17.82
CA VAL C 36 34.88 -4.13 18.77
C VAL C 36 36.06 -3.41 18.11
N GLU C 37 36.40 -2.21 18.60
CA GLU C 37 37.59 -1.49 18.16
C GLU C 37 38.82 -2.17 18.75
N LYS C 38 38.79 -2.43 20.06
CA LYS C 38 39.92 -3.02 20.78
C LYS C 38 39.45 -3.75 22.03
N VAL C 39 39.89 -5.00 22.19
CA VAL C 39 39.60 -5.81 23.37
C VAL C 39 40.50 -5.35 24.51
N LEU C 40 39.90 -4.98 25.64
CA LEU C 40 40.67 -4.52 26.80
C LEU C 40 40.77 -5.60 27.86
N TYR C 41 39.77 -6.47 27.92
CA TYR C 41 39.77 -7.55 28.89
C TYR C 41 38.79 -8.58 28.43
N ASP C 42 39.14 -9.85 28.54
CA ASP C 42 38.25 -10.92 28.12
C ASP C 42 38.73 -12.21 28.74
N ALA C 43 38.22 -12.52 29.93
CA ALA C 43 38.65 -13.67 30.69
C ALA C 43 37.57 -14.13 31.64
N PRO C 44 37.53 -15.44 31.95
CA PRO C 44 36.69 -15.82 33.06
C PRO C 44 37.29 -15.29 34.35
N THR C 45 36.38 -15.05 35.28
CA THR C 45 36.70 -14.52 36.56
C THR C 45 36.38 -15.74 37.39
N LYS C 46 36.61 -15.69 38.71
CA LYS C 46 36.15 -16.73 39.62
C LYS C 46 34.61 -16.97 39.60
N PHE C 47 33.84 -15.97 39.22
CA PHE C 47 32.35 -16.04 39.28
C PHE C 47 31.64 -15.92 37.95
N GLN C 48 32.25 -15.23 36.99
CA GLN C 48 31.53 -14.90 35.75
C GLN C 48 32.50 -14.54 34.63
N HIS C 49 32.05 -14.57 33.39
CA HIS C 49 32.87 -14.10 32.28
C HIS C 49 32.85 -12.56 32.22
N LEU C 50 34.03 -11.95 32.09
CA LEU C 50 34.17 -10.51 32.12
C LEU C 50 34.79 -10.07 30.82
N THR C 51 34.09 -9.16 30.13
CA THR C 51 34.49 -8.68 28.83
C THR C 51 34.43 -7.18 28.84
N ILE C 52 35.56 -6.56 28.44
CA ILE C 52 35.62 -5.10 28.35
C ILE C 52 36.25 -4.77 27.02
N PHE C 53 35.57 -3.93 26.24
CA PHE C 53 36.14 -3.50 24.97
C PHE C 53 35.87 -2.05 24.64
N GLU C 54 36.76 -1.49 23.81
CA GLU C 54 36.50 -0.20 23.22
C GLU C 54 35.58 -0.46 22.04
N SER C 55 34.43 0.24 22.00
CA SER C 55 33.52 0.08 20.88
C SER C 55 33.95 1.05 19.79
N ASP C 56 33.25 1.08 18.66
CA ASP C 56 33.57 1.94 17.53
C ASP C 56 33.64 3.44 17.93
N PRO C 57 34.81 4.10 17.72
CA PRO C 57 34.94 5.53 18.05
C PRO C 57 34.13 6.47 17.19
N LYS C 58 33.56 5.98 16.09
CA LYS C 58 32.58 6.77 15.34
C LYS C 58 31.18 6.67 15.97
N GLY C 59 30.93 5.64 16.79
CA GLY C 59 29.65 5.49 17.53
C GLY C 59 29.65 6.18 18.91
N PRO C 60 28.50 6.17 19.63
CA PRO C 60 28.50 6.95 20.87
C PRO C 60 28.97 6.18 22.11
N TRP C 61 29.12 4.85 22.05
CA TRP C 61 29.10 4.03 23.27
C TRP C 61 30.36 4.11 24.16
N GLY C 62 31.51 4.41 23.54
CA GLY C 62 32.80 4.36 24.26
C GLY C 62 33.16 2.97 24.76
N THR C 63 33.66 2.90 25.98
CA THR C 63 34.08 1.62 26.59
C THR C 63 32.86 0.86 27.11
N VAL C 64 32.87 -0.44 26.92
CA VAL C 64 31.71 -1.27 27.13
C VAL C 64 32.16 -2.43 28.01
N MET C 65 31.37 -2.73 29.03
CA MET C 65 31.57 -3.95 29.86
C MET C 65 30.39 -4.93 29.79
N ALA C 66 30.70 -6.21 29.58
CA ALA C 66 29.72 -7.27 29.60
C ALA C 66 30.09 -8.32 30.65
N LEU C 67 29.08 -8.91 31.25
CA LEU C 67 29.24 -9.99 32.21
C LEU C 67 28.38 -11.14 31.71
N ASP C 68 29.00 -12.32 31.59
CA ASP C 68 28.41 -13.51 30.98
C ASP C 68 27.68 -13.20 29.68
N GLY C 69 28.31 -12.40 28.81
CA GLY C 69 27.76 -12.07 27.49
C GLY C 69 26.65 -11.03 27.49
N CYS C 70 26.43 -10.38 28.62
CA CYS C 70 25.38 -9.38 28.75
C CYS C 70 26.00 -8.01 29.10
N ILE C 71 25.82 -7.04 28.22
CA ILE C 71 26.34 -5.69 28.47
C ILE C 71 25.75 -5.11 29.75
N GLN C 72 26.61 -4.61 30.63
CA GLN C 72 26.20 -4.08 31.94
C GLN C 72 26.46 -2.58 32.11
N VAL C 73 27.49 -2.06 31.44
CA VAL C 73 27.92 -0.67 31.58
C VAL C 73 28.53 -0.21 30.24
N THR C 74 28.17 1.00 29.81
CA THR C 74 28.87 1.70 28.70
C THR C 74 29.07 3.11 29.19
N ASP C 75 30.14 3.78 28.71
CA ASP C 75 30.39 5.20 29.03
C ASP C 75 29.19 6.12 28.72
N TYR C 76 28.55 5.85 27.59
CA TYR C 76 27.50 6.72 27.07
C TYR C 76 26.22 6.69 27.92
N ASP C 77 25.68 5.53 28.24
CA ASP C 77 24.37 5.46 28.93
C ASP C 77 24.39 5.18 30.44
N GLU C 78 25.57 5.01 31.04
CA GLU C 78 25.64 4.54 32.44
C GLU C 78 24.94 5.48 33.40
N PHE C 79 24.94 6.77 33.05
CA PHE C 79 24.28 7.79 33.83
C PHE C 79 22.77 7.48 34.07
N VAL C 80 22.13 6.82 33.10
CA VAL C 80 20.71 6.52 33.25
C VAL C 80 20.41 5.61 34.44
N TYR C 81 20.89 4.37 34.38
CA TYR C 81 20.55 3.37 35.39
C TYR C 81 21.15 3.77 36.73
N HIS C 82 22.35 4.39 36.71
CA HIS C 82 22.99 4.81 37.95
C HIS C 82 22.20 5.87 38.69
N GLU C 83 21.78 6.89 37.97
CA GLU C 83 21.04 7.99 38.55
C GLU C 83 19.65 7.52 38.98
N VAL C 84 18.98 6.73 38.13
CA VAL C 84 17.68 6.21 38.53
C VAL C 84 17.74 5.39 39.84
N LEU C 85 18.64 4.40 39.92
CA LEU C 85 18.76 3.56 41.11
C LEU C 85 19.17 4.38 42.35
N GLY C 86 20.19 5.22 42.18
CA GLY C 86 20.70 6.02 43.28
C GLY C 86 19.68 7.03 43.81
N HIS C 87 19.03 7.78 42.92
CA HIS C 87 18.23 8.91 43.37
C HIS C 87 16.78 8.59 43.65
N THR C 88 16.17 7.70 42.84
CA THR C 88 14.79 7.29 43.08
C THR C 88 14.67 6.72 44.52
N SER C 89 15.66 5.92 44.93
CA SER C 89 15.69 5.36 46.30
C SER C 89 15.97 6.42 47.37
N LEU C 90 17.10 7.13 47.27
CA LEU C 90 17.49 8.12 48.29
C LEU C 90 16.49 9.25 48.45
N CYS C 91 15.91 9.72 47.33
CA CYS C 91 14.86 10.77 47.39
C CYS C 91 13.50 10.25 47.85
N SER C 92 13.38 8.93 48.06
CA SER C 92 12.18 8.37 48.67
C SER C 92 12.35 8.15 50.19
N HIS C 93 13.54 8.49 50.71
CA HIS C 93 13.85 8.36 52.13
C HIS C 93 13.93 9.70 52.90
N PRO C 94 13.35 9.79 54.14
CA PRO C 94 13.39 11.13 54.80
C PRO C 94 14.77 11.67 55.19
N LYS C 95 15.72 10.78 55.45
CA LYS C 95 17.07 11.18 55.83
C LYS C 95 17.97 9.97 55.69
N PRO C 96 18.41 9.69 54.44
CA PRO C 96 19.17 8.46 54.32
C PRO C 96 20.63 8.66 54.76
N GLU C 97 21.04 7.99 55.85
CA GLU C 97 22.36 8.20 56.43
C GLU C 97 23.30 7.04 56.22
N ARG C 98 22.77 5.81 56.27
CA ARG C 98 23.57 4.59 56.10
C ARG C 98 22.98 3.80 54.93
N VAL C 99 23.81 3.51 53.92
CA VAL C 99 23.31 2.90 52.68
C VAL C 99 24.09 1.61 52.44
N LEU C 100 23.40 0.54 52.01
CA LEU C 100 24.08 -0.67 51.52
C LEU C 100 23.88 -0.81 50.01
N ILE C 101 24.96 -1.09 49.27
CA ILE C 101 24.84 -1.47 47.86
C ILE C 101 25.34 -2.89 47.74
N ILE C 102 24.48 -3.77 47.20
CA ILE C 102 24.88 -5.12 46.85
C ILE C 102 25.14 -5.20 45.34
N GLY C 103 26.32 -5.70 44.96
CA GLY C 103 26.80 -5.67 43.58
C GLY C 103 27.39 -4.29 43.41
N GLY C 104 27.17 -3.67 42.25
CA GLY C 104 27.63 -2.28 42.06
C GLY C 104 29.15 -2.10 42.01
N GLY C 105 29.87 -3.17 41.70
CA GLY C 105 31.34 -3.19 41.69
C GLY C 105 31.99 -2.16 40.79
N ASP C 106 31.25 -1.70 39.76
CA ASP C 106 31.70 -0.61 38.84
C ASP C 106 31.76 0.76 39.51
N GLY C 107 30.96 0.96 40.55
CA GLY C 107 31.04 2.19 41.35
C GLY C 107 30.01 3.25 40.97
N GLY C 108 29.20 2.97 39.96
CA GLY C 108 28.29 3.99 39.39
C GLY C 108 27.17 4.42 40.32
N VAL C 109 26.46 3.45 40.89
CA VAL C 109 25.43 3.76 41.88
C VAL C 109 26.04 4.43 43.13
N LEU C 110 27.20 3.90 43.58
CA LEU C 110 27.92 4.53 44.72
C LEU C 110 28.19 6.02 44.46
N ARG C 111 28.72 6.34 43.27
CA ARG C 111 28.98 7.75 42.88
C ARG C 111 27.72 8.57 43.08
N GLU C 112 26.58 8.04 42.64
CA GLU C 112 25.31 8.78 42.76
C GLU C 112 24.85 8.89 44.21
N VAL C 113 24.92 7.79 44.95
CA VAL C 113 24.58 7.76 46.40
C VAL C 113 25.42 8.85 47.15
N LEU C 114 26.71 8.94 46.81
CA LEU C 114 27.62 9.84 47.58
C LEU C 114 27.40 11.32 47.29
N ARG C 115 26.60 11.62 46.26
CA ARG C 115 26.25 13.05 46.01
C ARG C 115 25.36 13.57 47.12
N HIS C 116 24.60 12.69 47.75
CA HIS C 116 23.69 13.10 48.81
C HIS C 116 24.43 13.42 50.12
N GLY C 117 24.18 14.62 50.62
CA GLY C 117 24.92 15.17 51.79
C GLY C 117 24.51 14.48 53.06
N THR C 118 23.36 13.80 53.07
CA THR C 118 22.86 13.12 54.27
C THR C 118 23.58 11.81 54.52
N VAL C 119 24.21 11.24 53.49
CA VAL C 119 24.88 9.94 53.61
C VAL C 119 26.16 10.07 54.45
N GLU C 120 26.25 9.30 55.53
CA GLU C 120 27.45 9.34 56.41
C GLU C 120 28.32 8.19 56.01
N HIS C 121 27.70 7.08 55.60
CA HIS C 121 28.44 5.89 55.26
C HIS C 121 27.69 4.98 54.26
N CYS C 122 28.44 4.44 53.31
CA CYS C 122 27.87 3.45 52.39
C CYS C 122 28.76 2.24 52.39
N ASP C 123 28.20 1.06 52.70
CA ASP C 123 28.87 -0.19 52.45
C ASP C 123 28.57 -0.70 51.06
N LEU C 124 29.58 -1.21 50.36
CA LEU C 124 29.36 -1.83 49.06
C LEU C 124 29.95 -3.21 49.09
N VAL C 125 29.13 -4.20 48.73
CA VAL C 125 29.56 -5.58 48.73
C VAL C 125 29.36 -6.17 47.35
N ASP C 126 30.46 -6.43 46.64
CA ASP C 126 30.34 -7.08 45.33
C ASP C 126 31.17 -8.36 45.38
N ILE C 127 30.59 -9.46 44.88
CA ILE C 127 31.21 -10.78 44.94
C ILE C 127 32.47 -10.91 44.09
N ASP C 128 32.62 -10.07 43.07
CA ASP C 128 33.66 -10.26 42.10
C ASP C 128 34.66 -9.13 42.21
N GLY C 129 35.79 -9.42 42.86
CA GLY C 129 36.86 -8.46 42.99
C GLY C 129 37.47 -8.03 41.69
N GLU C 130 37.43 -8.88 40.67
CA GLU C 130 37.96 -8.52 39.33
C GLU C 130 37.14 -7.41 38.62
N VAL C 131 35.82 -7.44 38.75
CA VAL C 131 34.93 -6.32 38.30
C VAL C 131 35.41 -4.98 38.86
N MET C 132 35.67 -4.90 40.17
CA MET C 132 36.15 -3.62 40.78
C MET C 132 37.50 -3.20 40.19
N GLU C 133 38.42 -4.17 40.07
CA GLU C 133 39.78 -3.94 39.53
C GLU C 133 39.71 -3.46 38.09
N GLN C 134 38.93 -4.15 37.27
CA GLN C 134 38.78 -3.75 35.88
C GLN C 134 38.04 -2.42 35.69
N SER C 135 37.11 -2.11 36.60
CA SER C 135 36.44 -0.80 36.56
C SER C 135 37.40 0.31 36.89
N LYS C 136 38.32 0.02 37.82
CA LYS C 136 39.38 1.00 38.19
C LYS C 136 40.25 1.34 37.02
N GLN C 137 40.73 0.32 36.32
CA GLN C 137 41.53 0.46 35.10
C GLN C 137 40.79 1.05 33.91
N HIS C 138 39.55 0.62 33.63
CA HIS C 138 38.90 0.99 32.35
C HIS C 138 37.69 1.95 32.41
N PHE C 139 37.21 2.26 33.62
CA PHE C 139 36.10 3.21 33.82
C PHE C 139 36.39 4.13 35.00
N PRO C 140 37.50 4.91 34.96
CA PRO C 140 37.83 5.74 36.14
C PRO C 140 36.79 6.77 36.56
N GLN C 141 35.97 7.25 35.61
CA GLN C 141 34.89 8.21 35.88
C GLN C 141 33.69 7.57 36.61
N ILE C 142 33.59 6.25 36.54
CA ILE C 142 32.57 5.52 37.26
C ILE C 142 33.11 5.04 38.63
N SER C 143 34.36 4.55 38.62
CA SER C 143 34.93 3.81 39.76
C SER C 143 35.69 4.66 40.79
N ARG C 144 35.85 5.96 40.50
CA ARG C 144 36.48 6.92 41.40
C ARG C 144 35.87 6.84 42.80
N SER C 145 34.54 6.65 42.82
CA SER C 145 33.72 6.56 44.02
C SER C 145 34.18 5.47 44.98
N LEU C 146 34.77 4.39 44.46
CA LEU C 146 35.20 3.26 45.31
C LEU C 146 36.28 3.67 46.34
N ALA C 147 37.02 4.75 46.06
CA ALA C 147 38.08 5.24 46.95
C ALA C 147 37.58 6.26 47.95
N ASP C 148 36.30 6.60 47.92
CA ASP C 148 35.76 7.60 48.84
C ASP C 148 35.83 7.15 50.30
N PRO C 149 36.29 8.04 51.23
CA PRO C 149 36.35 7.69 52.66
C PRO C 149 34.99 7.39 53.28
N ARG C 150 33.90 7.84 52.65
CA ARG C 150 32.58 7.54 53.21
C ARG C 150 32.06 6.16 52.84
N ALA C 151 32.82 5.48 51.98
CA ALA C 151 32.49 4.16 51.47
C ALA C 151 33.39 3.11 52.10
N THR C 152 32.85 1.91 52.36
CA THR C 152 33.68 0.74 52.62
C THR C 152 33.31 -0.30 51.58
N VAL C 153 34.29 -0.73 50.81
CA VAL C 153 34.11 -1.70 49.72
C VAL C 153 34.61 -3.07 50.18
N ARG C 154 33.72 -4.07 50.17
CA ARG C 154 34.03 -5.48 50.46
C ARG C 154 33.84 -6.34 49.21
N VAL C 155 34.70 -7.35 49.10
CA VAL C 155 34.60 -8.36 48.04
C VAL C 155 34.03 -9.54 48.76
N GLY C 156 32.73 -9.80 48.54
CA GLY C 156 32.05 -10.88 49.21
C GLY C 156 30.68 -11.14 48.60
N ASP C 157 30.10 -12.28 48.95
CA ASP C 157 28.72 -12.60 48.60
C ASP C 157 27.76 -11.74 49.41
N GLY C 158 26.82 -11.06 48.71
CA GLY C 158 25.80 -10.21 49.32
C GLY C 158 24.84 -10.99 50.19
N LEU C 159 24.56 -12.23 49.79
CA LEU C 159 23.68 -13.14 50.53
C LEU C 159 24.24 -13.41 51.94
N ALA C 160 25.50 -13.80 52.01
CA ALA C 160 26.17 -14.04 53.29
C ALA C 160 26.33 -12.74 54.07
N PHE C 161 26.63 -11.61 53.38
CA PHE C 161 26.78 -10.33 54.06
C PHE C 161 25.52 -9.88 54.81
N VAL C 162 24.36 -9.97 54.14
CA VAL C 162 23.13 -9.50 54.79
C VAL C 162 22.66 -10.47 55.92
N ARG C 163 22.96 -11.76 55.74
CA ARG C 163 22.69 -12.76 56.76
C ARG C 163 23.46 -12.45 58.05
N GLN C 164 24.65 -11.89 57.91
CA GLN C 164 25.46 -11.52 59.08
C GLN C 164 25.33 -10.09 59.56
N THR C 165 24.36 -9.35 59.00
CA THR C 165 24.20 -7.92 59.33
C THR C 165 23.14 -7.83 60.41
N PRO C 166 23.33 -6.96 61.43
CA PRO C 166 22.28 -6.87 62.46
C PRO C 166 21.01 -6.21 61.94
N ASP C 167 19.88 -6.43 62.63
CA ASP C 167 18.62 -5.78 62.32
C ASP C 167 18.81 -4.31 62.36
N ASN C 168 17.93 -3.59 61.62
CA ASN C 168 17.89 -2.15 61.67
C ASN C 168 19.27 -1.49 61.50
N THR C 169 20.04 -1.89 60.49
CA THR C 169 21.36 -1.30 60.21
C THR C 169 21.31 -0.18 59.16
N TYR C 170 20.48 -0.36 58.11
CA TYR C 170 20.52 0.52 56.92
C TYR C 170 19.25 1.29 56.69
N ASP C 171 19.39 2.50 56.16
CA ASP C 171 18.26 3.33 55.74
C ASP C 171 17.83 2.93 54.29
N VAL C 172 18.79 2.57 53.44
CA VAL C 172 18.51 2.19 52.05
C VAL C 172 19.35 1.00 51.70
N VAL C 173 18.75 0.01 51.03
CA VAL C 173 19.52 -1.05 50.41
C VAL C 173 19.28 -0.99 48.89
N ILE C 174 20.35 -0.90 48.09
CA ILE C 174 20.25 -0.93 46.64
C ILE C 174 20.86 -2.24 46.15
N ILE C 175 20.08 -3.01 45.40
CA ILE C 175 20.51 -4.27 44.82
C ILE C 175 20.80 -4.03 43.33
N ASP C 176 22.08 -3.86 43.03
CA ASP C 176 22.58 -3.55 41.70
C ASP C 176 23.28 -4.78 41.09
N THR C 177 22.53 -5.85 40.85
CA THR C 177 23.15 -7.11 40.38
C THR C 177 22.86 -7.41 38.90
N THR C 178 23.30 -8.59 38.46
CA THR C 178 23.18 -9.06 37.08
C THR C 178 21.86 -9.78 36.82
N ALA C 191 14.96 -16.19 51.55
CA ALA C 191 15.96 -15.89 52.58
C ALA C 191 16.53 -14.46 52.42
N PHE C 192 17.07 -14.16 51.22
CA PHE C 192 17.68 -12.87 50.93
C PHE C 192 16.78 -11.64 51.18
N TYR C 193 15.61 -11.60 50.56
CA TYR C 193 14.70 -10.45 50.73
C TYR C 193 14.17 -10.30 52.17
N LYS C 194 14.12 -11.42 52.91
CA LYS C 194 13.72 -11.38 54.30
C LYS C 194 14.82 -10.74 55.12
N ASP C 195 16.06 -11.09 54.82
CA ASP C 195 17.21 -10.44 55.42
C ASP C 195 17.27 -8.96 55.07
N VAL C 196 16.99 -8.60 53.82
CA VAL C 196 17.00 -7.15 53.40
C VAL C 196 15.96 -6.34 54.18
N LEU C 197 14.75 -6.89 54.30
CA LEU C 197 13.73 -6.31 55.12
C LEU C 197 14.19 -6.12 56.58
N ARG C 198 14.82 -7.15 57.13
CA ARG C 198 15.23 -7.23 58.54
C ARG C 198 16.32 -6.17 58.82
N ILE C 199 17.27 -6.04 57.90
CA ILE C 199 18.43 -5.13 58.10
C ILE C 199 18.08 -3.68 57.88
N LEU C 200 16.91 -3.44 57.26
CA LEU C 200 16.42 -2.08 57.07
C LEU C 200 15.82 -1.54 58.35
N LYS C 201 16.08 -0.26 58.62
CA LYS C 201 15.41 0.50 59.71
C LYS C 201 13.95 0.72 59.34
N PRO C 202 13.09 1.24 60.28
CA PRO C 202 11.63 1.30 59.98
C PRO C 202 11.20 2.13 58.78
N ASP C 203 11.94 3.19 58.45
CA ASP C 203 11.64 3.99 57.25
C ASP C 203 12.38 3.49 56.02
N GLY C 204 12.87 2.27 56.04
CA GLY C 204 13.86 1.79 55.04
C GLY C 204 13.29 1.71 53.62
N ILE C 205 14.17 1.88 52.64
CA ILE C 205 13.83 1.71 51.23
C ILE C 205 14.77 0.68 50.62
N CYS C 206 14.20 -0.29 49.90
CA CYS C 206 14.99 -1.22 49.11
C CYS C 206 14.75 -0.91 47.63
N CYS C 207 15.80 -0.84 46.83
CA CYS C 207 15.54 -0.93 45.40
C CYS C 207 16.46 -1.87 44.64
N ASN C 208 15.92 -2.44 43.57
CA ASN C 208 16.60 -3.47 42.80
C ASN C 208 16.55 -3.17 41.31
N GLN C 209 17.46 -3.77 40.56
CA GLN C 209 17.47 -3.80 39.10
C GLN C 209 16.29 -4.71 38.77
N GLY C 210 15.28 -4.16 38.11
CA GLY C 210 13.94 -4.77 38.06
C GLY C 210 13.51 -5.52 36.81
N GLU C 211 14.34 -5.60 35.77
CA GLU C 211 14.01 -6.43 34.57
C GLU C 211 12.95 -5.76 33.65
N SER C 212 12.62 -6.40 32.53
CA SER C 212 11.80 -5.79 31.45
C SER C 212 10.30 -6.05 31.48
N ILE C 213 9.47 -5.01 31.28
CA ILE C 213 8.01 -5.24 31.08
C ILE C 213 7.70 -5.90 29.71
N TRP C 214 8.67 -5.92 28.80
CA TRP C 214 8.51 -6.58 27.50
C TRP C 214 8.93 -8.06 27.54
N LEU C 215 10.19 -8.33 27.93
CA LEU C 215 10.75 -9.70 28.04
C LEU C 215 10.20 -10.61 29.16
N ASP C 216 10.03 -10.05 30.36
CA ASP C 216 9.72 -10.82 31.57
C ASP C 216 8.66 -10.18 32.51
N LEU C 217 7.50 -9.81 31.94
CA LEU C 217 6.45 -9.13 32.72
C LEU C 217 5.93 -9.99 33.87
N GLU C 218 5.78 -11.29 33.60
CA GLU C 218 5.28 -12.23 34.61
C GLU C 218 6.28 -12.39 35.75
N LEU C 219 7.57 -12.29 35.45
CA LEU C 219 8.61 -12.27 36.45
C LEU C 219 8.51 -11.05 37.38
N ILE C 220 8.30 -9.85 36.81
CA ILE C 220 8.12 -8.64 37.62
C ILE C 220 6.93 -8.79 38.54
N GLU C 221 5.81 -9.28 38.01
CA GLU C 221 4.60 -9.46 38.80
C GLU C 221 4.90 -10.40 40.00
N LYS C 222 5.59 -11.51 39.71
CA LYS C 222 5.93 -12.52 40.71
C LYS C 222 6.89 -11.90 41.76
N MET C 223 7.94 -11.22 41.30
CA MET C 223 8.89 -10.55 42.20
C MET C 223 8.20 -9.54 43.11
N SER C 224 7.33 -8.71 42.54
CA SER C 224 6.61 -7.73 43.32
C SER C 224 5.68 -8.34 44.41
N ARG C 225 4.96 -9.40 44.04
CA ARG C 225 4.19 -10.16 45.04
C ARG C 225 5.11 -10.81 46.09
N PHE C 226 6.22 -11.42 45.68
CA PHE C 226 7.14 -12.10 46.59
C PHE C 226 7.69 -11.10 47.63
N ILE C 227 8.07 -9.91 47.13
CA ILE C 227 8.56 -8.83 48.00
C ILE C 227 7.54 -8.26 48.99
N ARG C 228 6.30 -8.01 48.54
CA ARG C 228 5.25 -7.61 49.44
C ARG C 228 4.98 -8.70 50.50
N GLU C 229 4.95 -9.95 50.05
CA GLU C 229 4.67 -11.06 50.96
C GLU C 229 5.81 -11.37 51.94
N THR C 230 7.04 -10.97 51.61
CA THR C 230 8.08 -11.11 52.62
C THR C 230 7.84 -10.09 53.75
N GLY C 231 7.04 -9.05 53.49
CA GLY C 231 6.74 -8.08 54.52
C GLY C 231 6.98 -6.60 54.20
N PHE C 232 7.54 -6.30 53.02
CA PHE C 232 7.54 -4.89 52.59
C PHE C 232 6.13 -4.38 52.50
N ALA C 233 5.89 -3.16 52.95
CA ALA C 233 4.55 -2.59 52.84
C ALA C 233 4.12 -2.29 51.39
N SER C 234 5.06 -1.86 50.54
CA SER C 234 4.69 -1.45 49.18
C SER C 234 5.85 -1.62 48.26
N VAL C 235 5.52 -1.85 46.98
CA VAL C 235 6.49 -2.15 45.92
C VAL C 235 5.91 -1.47 44.69
N GLN C 236 6.71 -0.61 44.06
CA GLN C 236 6.31 0.09 42.84
C GLN C 236 7.43 -0.01 41.84
N TYR C 237 7.08 -0.22 40.58
CA TYR C 237 8.06 -0.42 39.51
C TYR C 237 8.20 0.85 38.69
N ALA C 238 9.46 1.27 38.46
CA ALA C 238 9.75 2.50 37.72
C ALA C 238 10.50 2.10 36.44
N LEU C 239 10.04 2.64 35.34
CA LEU C 239 10.61 2.37 34.03
C LEU C 239 11.71 3.38 33.73
N MET C 240 12.75 2.97 33.03
CA MET C 240 13.73 3.94 32.52
C MET C 240 13.74 4.02 30.98
N HIS C 241 14.19 5.14 30.47
CA HIS C 241 14.47 5.34 29.03
C HIS C 241 15.95 5.17 28.79
N VAL C 242 16.32 4.04 28.22
CA VAL C 242 17.71 3.77 27.87
C VAL C 242 17.82 3.86 26.33
N PRO C 243 19.00 4.27 25.78
CA PRO C 243 19.12 4.36 24.31
C PRO C 243 19.02 3.04 23.56
N THR C 244 19.46 1.92 24.15
CA THR C 244 19.15 0.55 23.64
C THR C 244 19.14 -0.54 24.77
N TYR C 245 18.23 -1.50 24.65
CA TYR C 245 18.12 -2.60 25.60
C TYR C 245 17.43 -3.80 24.93
N PRO C 246 18.24 -4.65 24.24
CA PRO C 246 17.74 -5.72 23.35
C PRO C 246 16.86 -6.70 24.12
N CYS C 247 17.03 -6.66 25.43
CA CYS C 247 16.23 -7.39 26.40
C CYS C 247 14.89 -6.69 26.78
N GLY C 248 14.49 -5.67 26.01
CA GLY C 248 13.13 -5.12 26.14
C GLY C 248 13.07 -3.73 26.75
N SER C 249 13.14 -3.68 28.09
CA SER C 249 13.21 -2.43 28.86
C SER C 249 13.99 -2.69 30.14
N ILE C 250 14.41 -1.63 30.84
CA ILE C 250 14.96 -1.82 32.19
C ILE C 250 14.13 -1.00 33.19
N GLY C 251 13.85 -1.62 34.33
CA GLY C 251 13.15 -0.95 35.41
C GLY C 251 13.78 -1.20 36.77
N THR C 252 13.20 -0.60 37.78
CA THR C 252 13.62 -0.81 39.16
C THR C 252 12.39 -0.94 40.04
N LEU C 253 12.42 -1.91 40.94
CA LEU C 253 11.36 -2.06 41.91
C LEU C 253 11.77 -1.28 43.14
N VAL C 254 10.90 -0.37 43.55
CA VAL C 254 11.22 0.53 44.65
C VAL C 254 10.28 0.16 45.81
N CYS C 255 10.88 -0.28 46.92
CA CYS C 255 10.14 -0.99 47.97
C CYS C 255 10.30 -0.26 49.30
N SER C 256 9.18 -0.12 50.00
CA SER C 256 9.17 0.62 51.25
C SER C 256 8.83 -0.31 52.40
N LYS C 257 9.65 -0.29 53.46
CA LYS C 257 9.35 -1.12 54.62
C LYS C 257 8.14 -0.53 55.39
N LYS C 258 8.10 0.79 55.47
CA LYS C 258 7.00 1.50 56.13
C LYS C 258 5.71 1.55 55.32
N ALA C 259 4.57 1.20 55.95
CA ALA C 259 3.23 1.36 55.34
C ALA C 259 2.91 2.83 55.18
N GLY C 260 2.11 3.17 54.17
CA GLY C 260 1.74 4.54 53.91
C GLY C 260 2.75 5.42 53.19
N VAL C 261 3.87 4.88 52.73
CA VAL C 261 4.87 5.68 51.97
C VAL C 261 4.55 5.59 50.46
N ASP C 262 4.40 6.73 49.80
CA ASP C 262 4.21 6.77 48.35
C ASP C 262 5.55 7.06 47.66
N VAL C 263 6.26 6.02 47.24
CA VAL C 263 7.58 6.21 46.65
C VAL C 263 7.50 6.88 45.24
N THR C 264 6.29 6.95 44.66
CA THR C 264 6.13 7.44 43.30
C THR C 264 6.23 8.97 43.19
N LYS C 265 6.08 9.68 44.31
CA LYS C 265 6.31 11.11 44.34
C LYS C 265 7.50 11.33 45.28
N PRO C 266 8.53 12.08 44.84
CA PRO C 266 9.75 12.22 45.63
C PRO C 266 9.49 12.83 47.00
N LEU C 267 9.98 12.14 48.03
CA LEU C 267 9.82 12.62 49.39
C LEU C 267 10.74 13.80 49.67
N ARG C 268 11.99 13.70 49.25
CA ARG C 268 12.96 14.80 49.35
C ARG C 268 13.40 15.18 47.90
N PRO C 269 12.70 16.14 47.28
CA PRO C 269 13.03 16.47 45.89
C PRO C 269 14.51 16.81 45.67
N VAL C 270 15.09 16.21 44.64
CA VAL C 270 16.49 16.46 44.31
C VAL C 270 16.80 17.97 44.04
N GLU C 271 15.79 18.71 43.57
CA GLU C 271 15.93 20.14 43.21
C GLU C 271 16.36 21.00 44.42
N ASP C 272 16.05 20.53 45.63
CA ASP C 272 16.43 21.20 46.88
C ASP C 272 17.85 20.87 47.34
N MET C 273 18.59 20.09 46.56
CA MET C 273 19.91 19.61 46.95
C MET C 273 20.91 20.26 46.00
N PRO C 274 22.16 20.52 46.43
CA PRO C 274 22.99 21.36 45.53
C PRO C 274 23.46 20.70 44.20
N PHE C 275 23.41 19.37 44.11
CA PHE C 275 23.91 18.66 42.94
C PHE C 275 22.84 18.41 41.84
N ALA C 276 21.61 18.92 41.99
CA ALA C 276 20.50 18.56 41.05
C ALA C 276 20.90 18.82 39.59
N LYS C 277 21.62 19.93 39.37
CA LYS C 277 22.01 20.31 38.03
C LYS C 277 23.18 19.58 37.45
N ASP C 278 23.87 18.78 38.25
CA ASP C 278 24.90 17.88 37.75
C ASP C 278 24.31 16.63 37.10
N LEU C 279 23.02 16.35 37.34
CA LEU C 279 22.38 15.11 36.86
C LEU C 279 22.02 15.19 35.39
N LYS C 280 22.21 14.12 34.64
CA LYS C 280 21.96 14.15 33.20
C LYS C 280 20.59 13.54 32.87
N TYR C 281 20.04 12.73 33.77
CA TYR C 281 18.75 12.05 33.49
C TYR C 281 17.69 12.41 34.54
N TYR C 282 18.01 12.12 35.81
CA TYR C 282 17.06 12.15 36.89
C TYR C 282 16.72 13.58 37.27
N ASP C 283 15.44 13.82 37.46
CA ASP C 283 14.89 14.94 38.23
C ASP C 283 13.52 14.52 38.79
N SER C 284 12.82 15.43 39.50
CA SER C 284 11.54 15.11 40.12
C SER C 284 10.44 14.77 39.07
N GLU C 285 10.43 15.50 37.95
CA GLU C 285 9.46 15.20 36.88
C GLU C 285 9.67 13.79 36.32
N MET C 286 10.93 13.43 36.06
CA MET C 286 11.27 12.05 35.62
C MET C 286 10.89 10.99 36.67
N HIS C 287 11.16 11.30 37.94
CA HIS C 287 10.82 10.42 39.06
C HIS C 287 9.32 10.10 38.98
N LYS C 288 8.47 11.13 38.96
CA LYS C 288 7.01 10.89 38.91
C LYS C 288 6.60 10.12 37.66
N ALA C 289 7.17 10.53 36.52
CA ALA C 289 6.82 9.95 35.23
C ALA C 289 7.17 8.47 35.13
N SER C 290 8.29 8.09 35.75
CA SER C 290 8.85 6.72 35.63
C SER C 290 7.87 5.63 36.15
N PHE C 291 6.99 6.00 37.07
CA PHE C 291 6.03 5.07 37.63
C PHE C 291 4.72 4.92 36.81
N ALA C 292 4.55 5.77 35.79
CA ALA C 292 3.43 5.63 34.88
C ALA C 292 3.77 4.54 33.86
N LEU C 293 2.98 3.46 33.85
CA LEU C 293 3.33 2.32 33.04
C LEU C 293 2.42 2.18 31.83
N PRO C 294 2.94 1.63 30.71
CA PRO C 294 1.98 1.32 29.64
C PRO C 294 0.76 0.53 30.17
N ARG C 295 -0.43 0.78 29.59
CA ARG C 295 -1.69 0.09 30.02
C ARG C 295 -1.57 -1.40 30.24
N PHE C 296 -0.92 -2.13 29.33
CA PHE C 296 -0.75 -3.59 29.47
C PHE C 296 -0.01 -4.03 30.76
N ALA C 297 0.85 -3.15 31.28
CA ALA C 297 1.70 -3.42 32.44
C ALA C 297 1.26 -2.68 33.71
N ARG C 298 0.19 -1.88 33.59
CA ARG C 298 -0.23 -1.00 34.71
C ARG C 298 -0.58 -1.77 36.01
N HIS C 299 -1.00 -3.03 35.88
CA HIS C 299 -1.41 -3.85 37.01
C HIS C 299 -0.24 -4.12 37.96
N ILE C 300 0.99 -4.06 37.44
CA ILE C 300 2.21 -4.09 38.29
C ILE C 300 2.11 -3.11 39.46
N ASN C 301 1.71 -1.87 39.20
CA ASN C 301 1.72 -0.78 40.17
C ASN C 301 0.35 -0.43 40.77
N ASN C 302 -0.73 -0.91 40.12
CA ASN C 302 -2.13 -0.50 40.35
C ASN C 302 -2.40 1.01 40.29
N GLU D 13 16.10 -10.02 -2.30
CA GLU D 13 17.45 -10.54 -1.95
C GLU D 13 17.47 -11.34 -0.64
N LEU D 14 16.57 -11.01 0.30
CA LEU D 14 16.48 -11.74 1.56
C LEU D 14 16.04 -13.18 1.35
N ILE D 15 16.55 -14.13 2.13
CA ILE D 15 15.98 -15.51 2.10
C ILE D 15 15.52 -16.07 3.44
N SER D 16 14.50 -16.94 3.39
CA SER D 16 14.00 -17.62 4.56
C SER D 16 15.12 -18.41 5.26
N GLY D 17 15.32 -18.15 6.57
CA GLY D 17 16.37 -18.84 7.37
C GLY D 17 17.58 -17.94 7.44
N GLY D 18 17.65 -16.95 6.54
CA GLY D 18 18.65 -15.89 6.65
C GLY D 18 18.30 -14.94 7.82
N TRP D 19 19.18 -13.96 8.07
CA TRP D 19 18.90 -12.93 9.08
C TRP D 19 18.80 -11.57 8.42
N PHE D 20 17.80 -10.79 8.83
CA PHE D 20 17.64 -9.40 8.38
C PHE D 20 18.50 -8.54 9.30
N ARG D 21 19.37 -7.70 8.72
CA ARG D 21 20.26 -6.85 9.51
C ARG D 21 19.93 -5.37 9.27
N GLU D 22 19.85 -4.63 10.37
CA GLU D 22 19.55 -3.21 10.34
C GLU D 22 20.73 -2.46 10.94
N GLU D 23 21.24 -1.49 10.19
CA GLU D 23 22.26 -0.56 10.70
C GLU D 23 21.77 0.88 10.54
N ASN D 24 22.39 1.79 11.29
CA ASN D 24 21.97 3.20 11.35
C ASN D 24 23.14 4.15 11.41
N ASP D 25 23.14 5.19 10.58
CA ASP D 25 24.08 6.32 10.76
C ASP D 25 23.53 7.21 11.88
N PRO D 28 25.93 3.14 14.37
CA PRO D 28 27.26 3.39 13.75
C PRO D 28 28.32 2.55 14.49
N GLY D 29 28.61 1.38 13.93
CA GLY D 29 29.31 0.33 14.66
C GLY D 29 28.33 -0.50 15.49
N GLN D 30 27.04 -0.31 15.24
CA GLN D 30 25.97 -1.03 15.92
C GLN D 30 25.04 -1.63 14.88
N ALA D 31 24.52 -2.82 15.15
CA ALA D 31 23.60 -3.47 14.24
C ALA D 31 22.57 -4.22 15.02
N MET D 32 21.35 -4.26 14.48
CA MET D 32 20.25 -5.04 15.03
C MET D 32 19.86 -6.10 14.01
N SER D 33 19.66 -7.35 14.44
CA SER D 33 19.33 -8.41 13.50
C SER D 33 18.15 -9.26 13.90
N LEU D 34 17.39 -9.74 12.92
CA LEU D 34 16.27 -10.68 13.16
C LEU D 34 16.36 -11.84 12.18
N ARG D 35 16.14 -13.06 12.69
CA ARG D 35 16.00 -14.24 11.85
C ARG D 35 14.73 -14.15 11.02
N VAL D 36 14.87 -14.47 9.74
CA VAL D 36 13.74 -14.51 8.79
C VAL D 36 13.23 -15.94 8.73
N GLU D 37 11.99 -16.15 9.18
CA GLU D 37 11.36 -17.44 9.05
C GLU D 37 10.86 -17.61 7.63
N LYS D 38 10.17 -16.60 7.09
CA LYS D 38 9.67 -16.63 5.72
C LYS D 38 9.57 -15.24 5.11
N VAL D 39 10.15 -15.06 3.90
CA VAL D 39 10.04 -13.79 3.16
C VAL D 39 8.64 -13.70 2.57
N LEU D 40 7.95 -12.57 2.80
CA LEU D 40 6.59 -12.40 2.26
C LEU D 40 6.56 -11.40 1.11
N TYR D 41 7.49 -10.45 1.13
CA TYR D 41 7.61 -9.46 0.06
C TYR D 41 9.00 -8.91 0.15
N ASP D 42 9.61 -8.71 -1.02
CA ASP D 42 10.93 -8.12 -1.07
C ASP D 42 11.20 -7.57 -2.44
N ALA D 43 10.89 -6.29 -2.66
CA ALA D 43 10.98 -5.68 -4.01
C ALA D 43 11.13 -4.18 -3.90
N PRO D 44 11.85 -3.56 -4.87
CA PRO D 44 11.69 -2.12 -4.94
C PRO D 44 10.28 -1.76 -5.30
N THR D 45 9.87 -0.61 -4.82
CA THR D 45 8.59 -0.05 -5.10
C THR D 45 8.95 1.14 -6.00
N LYS D 46 7.97 1.89 -6.50
CA LYS D 46 8.24 3.18 -7.17
C LYS D 46 9.03 4.19 -6.30
N PHE D 47 8.90 4.14 -4.96
CA PHE D 47 9.49 5.14 -4.04
C PHE D 47 10.53 4.63 -3.06
N GLN D 48 10.54 3.33 -2.77
CA GLN D 48 11.42 2.77 -1.70
C GLN D 48 11.50 1.26 -1.78
N HIS D 49 12.52 0.68 -1.13
CA HIS D 49 12.54 -0.76 -0.97
C HIS D 49 11.58 -1.23 0.13
N LEU D 50 10.70 -2.18 -0.22
CA LEU D 50 9.70 -2.72 0.69
C LEU D 50 10.02 -4.18 1.02
N THR D 51 10.21 -4.46 2.32
CA THR D 51 10.55 -5.79 2.79
C THR D 51 9.56 -6.21 3.86
N ILE D 52 8.87 -7.32 3.61
CA ILE D 52 8.01 -7.89 4.62
C ILE D 52 8.42 -9.32 4.90
N PHE D 53 8.56 -9.67 6.18
CA PHE D 53 8.86 -11.06 6.54
C PHE D 53 8.24 -11.50 7.83
N GLU D 54 8.04 -12.82 7.93
CA GLU D 54 7.64 -13.46 9.17
C GLU D 54 8.93 -13.70 9.92
N SER D 55 9.01 -13.15 11.13
CA SER D 55 10.22 -13.32 11.94
C SER D 55 10.09 -14.65 12.68
N ASP D 56 11.01 -14.94 13.58
CA ASP D 56 11.07 -16.23 14.24
C ASP D 56 9.85 -16.47 15.12
N PRO D 57 9.05 -17.54 14.85
CA PRO D 57 7.82 -17.73 15.64
C PRO D 57 8.05 -18.15 17.11
N LYS D 58 9.29 -18.46 17.48
CA LYS D 58 9.67 -18.55 18.89
C LYS D 58 9.87 -17.15 19.53
N GLY D 59 10.12 -16.12 18.71
CA GLY D 59 10.26 -14.73 19.23
C GLY D 59 8.92 -14.00 19.28
N PRO D 60 8.90 -12.76 19.81
CA PRO D 60 7.61 -12.11 19.96
C PRO D 60 7.13 -11.29 18.72
N TRP D 61 7.98 -11.09 17.72
CA TRP D 61 7.75 -10.00 16.74
C TRP D 61 6.64 -10.16 15.72
N GLY D 62 6.35 -11.41 15.32
CA GLY D 62 5.39 -11.71 14.24
C GLY D 62 5.90 -11.22 12.90
N THR D 63 4.98 -10.70 12.08
CA THR D 63 5.30 -10.11 10.79
C THR D 63 5.98 -8.76 10.99
N VAL D 64 6.98 -8.49 10.16
CA VAL D 64 7.83 -7.32 10.25
C VAL D 64 7.86 -6.64 8.88
N MET D 65 7.68 -5.31 8.88
CA MET D 65 7.85 -4.53 7.67
C MET D 65 9.00 -3.55 7.79
N ALA D 66 9.88 -3.55 6.79
CA ALA D 66 10.96 -2.57 6.65
C ALA D 66 10.85 -1.75 5.36
N LEU D 67 11.26 -0.48 5.44
CA LEU D 67 11.24 0.39 4.27
C LEU D 67 12.66 0.91 4.14
N ASP D 68 13.27 0.68 2.96
CA ASP D 68 14.70 1.02 2.73
C ASP D 68 15.60 0.50 3.85
N GLY D 69 15.40 -0.75 4.24
CA GLY D 69 16.22 -1.38 5.27
C GLY D 69 15.94 -0.97 6.71
N CYS D 70 14.91 -0.15 6.97
CA CYS D 70 14.61 0.26 8.35
C CYS D 70 13.23 -0.22 8.77
N ILE D 71 13.19 -1.01 9.84
CA ILE D 71 11.94 -1.59 10.35
C ILE D 71 10.95 -0.47 10.70
N GLN D 72 9.72 -0.57 10.22
CA GLN D 72 8.73 0.47 10.47
C GLN D 72 7.52 -0.04 11.29
N VAL D 73 7.20 -1.31 11.11
CA VAL D 73 6.01 -1.92 11.70
C VAL D 73 6.38 -3.36 12.08
N THR D 74 6.01 -3.78 13.29
CA THR D 74 5.88 -5.21 13.64
C THR D 74 4.53 -5.47 14.28
N ASP D 75 4.04 -6.71 14.22
CA ASP D 75 2.77 -7.08 14.84
C ASP D 75 2.77 -6.84 16.33
N TYR D 76 3.92 -7.06 16.95
CA TYR D 76 4.07 -7.05 18.39
C TYR D 76 4.00 -5.65 18.99
N ASP D 77 4.72 -4.68 18.43
CA ASP D 77 4.86 -3.35 19.05
C ASP D 77 4.07 -2.20 18.40
N GLU D 78 3.44 -2.46 17.25
CA GLU D 78 2.79 -1.41 16.47
C GLU D 78 1.80 -0.57 17.29
N PHE D 79 1.10 -1.21 18.23
CA PHE D 79 0.15 -0.53 19.11
C PHE D 79 0.77 0.67 19.84
N VAL D 80 2.07 0.59 20.14
CA VAL D 80 2.73 1.70 20.84
C VAL D 80 2.69 3.01 20.05
N TYR D 81 3.37 3.05 18.90
CA TYR D 81 3.50 4.27 18.13
C TYR D 81 2.13 4.67 17.53
N HIS D 82 1.32 3.68 17.19
CA HIS D 82 -0.01 3.99 16.64
C HIS D 82 -0.96 4.67 17.64
N GLU D 83 -0.99 4.12 18.87
CA GLU D 83 -1.82 4.70 19.94
C GLU D 83 -1.29 6.07 20.35
N VAL D 84 0.02 6.17 20.56
CA VAL D 84 0.61 7.44 20.93
C VAL D 84 0.28 8.56 19.91
N LEU D 85 0.56 8.34 18.62
CA LEU D 85 0.27 9.35 17.58
C LEU D 85 -1.24 9.68 17.48
N GLY D 86 -2.06 8.63 17.52
CA GLY D 86 -3.52 8.77 17.30
C GLY D 86 -4.16 9.48 18.47
N HIS D 87 -3.88 9.06 19.70
CA HIS D 87 -4.56 9.60 20.88
C HIS D 87 -3.97 10.86 21.52
N THR D 88 -2.63 11.01 21.50
CA THR D 88 -2.01 12.18 22.14
C THR D 88 -2.53 13.44 21.40
N SER D 89 -2.64 13.33 20.09
CA SER D 89 -3.08 14.44 19.24
C SER D 89 -4.59 14.68 19.40
N LEU D 90 -5.41 13.67 19.16
CA LEU D 90 -6.89 13.82 19.25
C LEU D 90 -7.40 14.17 20.65
N CYS D 91 -6.77 13.63 21.70
CA CYS D 91 -7.07 13.97 23.10
C CYS D 91 -6.57 15.37 23.53
N SER D 92 -5.74 16.01 22.70
CA SER D 92 -5.32 17.39 22.91
C SER D 92 -6.21 18.40 22.16
N HIS D 93 -7.17 17.91 21.38
CA HIS D 93 -8.07 18.79 20.61
C HIS D 93 -9.48 18.85 21.24
N PRO D 94 -10.14 20.04 21.21
CA PRO D 94 -11.48 20.10 21.87
C PRO D 94 -12.59 19.28 21.24
N LYS D 95 -12.52 19.08 19.93
CA LYS D 95 -13.57 18.38 19.19
C LYS D 95 -13.01 18.07 17.80
N PRO D 96 -12.20 17.00 17.68
CA PRO D 96 -11.56 16.77 16.39
C PRO D 96 -12.49 16.06 15.43
N GLU D 97 -12.96 16.78 14.42
CA GLU D 97 -13.98 16.27 13.49
C GLU D 97 -13.40 15.83 12.16
N ARG D 98 -12.45 16.60 11.60
CA ARG D 98 -11.81 16.26 10.32
C ARG D 98 -10.30 16.11 10.54
N VAL D 99 -9.77 14.95 10.14
CA VAL D 99 -8.37 14.57 10.46
C VAL D 99 -7.63 14.26 9.18
N LEU D 100 -6.38 14.72 9.07
CA LEU D 100 -5.50 14.36 7.97
C LEU D 100 -4.30 13.52 8.50
N ILE D 101 -4.03 12.40 7.83
CA ILE D 101 -2.86 11.57 8.15
C ILE D 101 -2.02 11.61 6.91
N ILE D 102 -0.77 12.03 7.05
CA ILE D 102 0.21 12.00 5.98
C ILE D 102 1.14 10.81 6.24
N GLY D 103 1.35 9.95 5.24
CA GLY D 103 1.99 8.67 5.44
C GLY D 103 0.94 7.72 6.02
N GLY D 104 1.38 6.81 6.90
CA GLY D 104 0.46 5.91 7.61
C GLY D 104 -0.26 4.92 6.70
N GLY D 105 0.38 4.59 5.59
CA GLY D 105 -0.18 3.65 4.60
C GLY D 105 -0.56 2.27 5.15
N ASP D 106 0.06 1.86 6.28
CA ASP D 106 -0.27 0.63 7.00
C ASP D 106 -1.66 0.64 7.67
N GLY D 107 -2.20 1.82 7.94
CA GLY D 107 -3.53 1.95 8.52
C GLY D 107 -3.59 2.02 10.04
N GLY D 108 -2.44 1.93 10.69
CA GLY D 108 -2.36 1.84 12.19
C GLY D 108 -2.87 3.08 12.89
N VAL D 109 -2.33 4.23 12.47
CA VAL D 109 -2.78 5.51 13.03
C VAL D 109 -4.27 5.75 12.76
N LEU D 110 -4.66 5.50 11.52
CA LEU D 110 -6.08 5.60 11.11
C LEU D 110 -7.00 4.76 12.02
N ARG D 111 -6.60 3.53 12.30
CA ARG D 111 -7.38 2.62 13.19
C ARG D 111 -7.61 3.35 14.49
N GLU D 112 -6.54 3.99 15.02
CA GLU D 112 -6.63 4.67 16.31
C GLU D 112 -7.49 5.92 16.26
N VAL D 113 -7.32 6.70 15.21
CA VAL D 113 -8.07 7.93 14.98
C VAL D 113 -9.58 7.61 14.91
N LEU D 114 -9.91 6.53 14.21
CA LEU D 114 -11.33 6.13 13.98
C LEU D 114 -12.02 5.58 15.21
N ARG D 115 -11.27 5.30 16.30
CA ARG D 115 -11.94 4.94 17.56
C ARG D 115 -12.71 6.13 18.11
N HIS D 116 -12.27 7.36 17.77
CA HIS D 116 -12.87 8.56 18.35
C HIS D 116 -14.22 8.85 17.69
N GLY D 117 -15.25 9.02 18.53
CA GLY D 117 -16.62 9.23 18.07
C GLY D 117 -16.79 10.59 17.43
N THR D 118 -16.01 11.58 17.84
CA THR D 118 -16.08 12.91 17.26
C THR D 118 -15.58 13.02 15.83
N VAL D 119 -14.82 12.03 15.37
CA VAL D 119 -14.25 12.11 14.02
C VAL D 119 -15.33 11.78 12.99
N GLU D 120 -15.58 12.72 12.09
CA GLU D 120 -16.59 12.56 11.02
C GLU D 120 -15.89 12.06 9.78
N HIS D 121 -14.67 12.52 9.57
CA HIS D 121 -13.94 12.15 8.39
C HIS D 121 -12.41 12.22 8.58
N CYS D 122 -11.69 11.24 8.06
CA CYS D 122 -10.24 11.31 8.09
C CYS D 122 -9.71 11.04 6.69
N ASP D 123 -8.91 11.97 6.17
CA ASP D 123 -8.21 11.78 4.92
C ASP D 123 -6.85 11.19 5.20
N LEU D 124 -6.45 10.19 4.42
CA LEU D 124 -5.11 9.62 4.58
C LEU D 124 -4.45 9.66 3.23
N VAL D 125 -3.23 10.19 3.19
CA VAL D 125 -2.45 10.36 1.97
C VAL D 125 -1.05 9.72 2.15
N ASP D 126 -0.83 8.62 1.45
CA ASP D 126 0.48 7.96 1.46
C ASP D 126 0.98 7.90 0.02
N ILE D 127 2.24 8.25 -0.17
CA ILE D 127 2.91 8.26 -1.48
C ILE D 127 3.02 6.87 -2.12
N ASP D 128 2.99 5.82 -1.31
CA ASP D 128 3.37 4.52 -1.80
C ASP D 128 2.21 3.58 -1.74
N GLY D 129 1.54 3.42 -2.89
CA GLY D 129 0.38 2.53 -3.05
C GLY D 129 0.67 1.08 -2.73
N GLU D 130 1.91 0.66 -2.94
CA GLU D 130 2.33 -0.72 -2.63
C GLU D 130 2.40 -1.04 -1.11
N VAL D 131 2.77 -0.04 -0.31
CA VAL D 131 2.73 -0.21 1.16
C VAL D 131 1.29 -0.55 1.55
N MET D 132 0.32 0.21 1.04
CA MET D 132 -1.08 0.01 1.39
C MET D 132 -1.60 -1.37 0.99
N GLU D 133 -1.26 -1.77 -0.25
CA GLU D 133 -1.55 -3.10 -0.78
C GLU D 133 -0.90 -4.21 0.05
N GLN D 134 0.40 -4.10 0.31
CA GLN D 134 1.09 -5.10 1.13
C GLN D 134 0.62 -5.17 2.60
N SER D 135 0.21 -4.03 3.16
CA SER D 135 -0.42 -4.00 4.49
C SER D 135 -1.77 -4.71 4.49
N LYS D 136 -2.54 -4.54 3.42
CA LYS D 136 -3.84 -5.25 3.30
C LYS D 136 -3.65 -6.74 3.33
N GLN D 137 -2.62 -7.19 2.62
CA GLN D 137 -2.28 -8.59 2.53
C GLN D 137 -1.65 -9.18 3.79
N HIS D 138 -0.70 -8.46 4.38
CA HIS D 138 0.13 -9.04 5.44
C HIS D 138 -0.07 -8.51 6.85
N PHE D 139 -0.82 -7.42 6.98
CA PHE D 139 -1.17 -6.86 8.29
C PHE D 139 -2.66 -6.50 8.33
N PRO D 140 -3.57 -7.50 8.18
CA PRO D 140 -5.00 -7.13 8.18
C PRO D 140 -5.51 -6.48 9.48
N GLN D 141 -4.92 -6.85 10.61
CA GLN D 141 -5.24 -6.24 11.92
C GLN D 141 -4.85 -4.74 12.03
N ILE D 142 -3.98 -4.30 11.13
CA ILE D 142 -3.56 -2.89 11.07
C ILE D 142 -4.28 -2.13 9.94
N SER D 143 -4.43 -2.77 8.77
CA SER D 143 -4.94 -2.15 7.53
C SER D 143 -6.45 -2.19 7.29
N ARG D 144 -7.19 -2.92 8.13
CA ARG D 144 -8.66 -2.95 8.08
C ARG D 144 -9.29 -1.56 8.01
N SER D 145 -8.76 -0.64 8.82
CA SER D 145 -9.17 0.75 8.89
C SER D 145 -9.27 1.46 7.54
N LEU D 146 -8.44 1.05 6.58
CA LEU D 146 -8.37 1.71 5.28
C LEU D 146 -9.71 1.65 4.53
N ALA D 147 -10.58 0.70 4.92
CA ALA D 147 -11.88 0.49 4.28
C ALA D 147 -13.03 1.17 4.99
N ASP D 148 -12.74 1.93 6.04
CA ASP D 148 -13.80 2.55 6.84
C ASP D 148 -14.50 3.71 6.08
N PRO D 149 -15.87 3.78 6.19
CA PRO D 149 -16.57 4.82 5.41
C PRO D 149 -16.22 6.23 5.81
N ARG D 150 -15.69 6.40 7.02
CA ARG D 150 -15.31 7.70 7.47
C ARG D 150 -13.90 8.10 6.97
N ALA D 151 -13.22 7.19 6.27
CA ALA D 151 -11.88 7.44 5.75
C ALA D 151 -11.92 7.65 4.22
N THR D 152 -11.05 8.52 3.72
CA THR D 152 -10.76 8.53 2.29
C THR D 152 -9.27 8.41 2.13
N VAL D 153 -8.84 7.40 1.39
CA VAL D 153 -7.45 7.04 1.29
C VAL D 153 -6.98 7.46 -0.11
N ARG D 154 -5.92 8.27 -0.18
CA ARG D 154 -5.32 8.69 -1.44
C ARG D 154 -3.89 8.21 -1.52
N VAL D 155 -3.51 7.81 -2.72
CA VAL D 155 -2.11 7.57 -3.06
C VAL D 155 -1.59 8.85 -3.67
N GLY D 156 -0.65 9.50 -2.98
CA GLY D 156 -0.06 10.72 -3.48
C GLY D 156 0.95 11.27 -2.51
N ASP D 157 1.67 12.30 -2.95
CA ASP D 157 2.70 12.94 -2.15
C ASP D 157 2.03 13.90 -1.15
N GLY D 158 2.35 13.74 0.15
CA GLY D 158 1.79 14.60 1.23
C GLY D 158 2.10 16.08 1.02
N LEU D 159 3.29 16.36 0.48
CA LEU D 159 3.79 17.72 0.26
C LEU D 159 2.92 18.44 -0.77
N ALA D 160 2.63 17.76 -1.89
CA ALA D 160 1.70 18.26 -2.90
C ALA D 160 0.29 18.32 -2.39
N PHE D 161 -0.14 17.31 -1.61
CA PHE D 161 -1.51 17.31 -1.06
C PHE D 161 -1.84 18.50 -0.16
N VAL D 162 -0.93 18.86 0.76
CA VAL D 162 -1.23 20.00 1.67
C VAL D 162 -1.17 21.33 0.89
N ARG D 163 -0.31 21.40 -0.12
CA ARG D 163 -0.17 22.60 -0.97
C ARG D 163 -1.49 22.92 -1.66
N GLN D 164 -2.21 21.88 -2.08
CA GLN D 164 -3.49 22.03 -2.75
C GLN D 164 -4.74 22.02 -1.84
N THR D 165 -4.53 21.99 -0.53
CA THR D 165 -5.62 21.98 0.45
C THR D 165 -5.96 23.39 0.84
N PRO D 166 -7.28 23.72 0.96
CA PRO D 166 -7.61 25.09 1.38
C PRO D 166 -7.27 25.37 2.85
N ASP D 167 -7.16 26.65 3.20
CA ASP D 167 -7.01 27.10 4.57
C ASP D 167 -8.07 26.47 5.44
N ASN D 168 -7.71 26.24 6.70
CA ASN D 168 -8.65 25.91 7.74
C ASN D 168 -9.53 24.76 7.37
N THR D 169 -8.91 23.68 6.88
CA THR D 169 -9.63 22.47 6.52
C THR D 169 -9.69 21.44 7.69
N TYR D 170 -8.59 21.31 8.44
CA TYR D 170 -8.47 20.19 9.39
C TYR D 170 -8.38 20.63 10.83
N ASP D 171 -8.95 19.81 11.69
CA ASP D 171 -8.76 19.94 13.13
C ASP D 171 -7.41 19.37 13.58
N VAL D 172 -6.98 18.27 12.95
CA VAL D 172 -5.73 17.56 13.35
C VAL D 172 -5.00 17.14 12.10
N VAL D 173 -3.70 17.38 12.05
CA VAL D 173 -2.86 16.76 11.01
C VAL D 173 -1.80 15.88 11.71
N ILE D 174 -1.75 14.60 11.33
CA ILE D 174 -0.82 13.62 11.85
C ILE D 174 0.16 13.24 10.75
N ILE D 175 1.45 13.43 11.01
CA ILE D 175 2.46 13.16 10.00
C ILE D 175 3.22 11.92 10.48
N ASP D 176 2.94 10.80 9.81
CA ASP D 176 3.40 9.46 10.17
C ASP D 176 4.29 8.94 9.05
N THR D 177 5.46 9.52 8.89
CA THR D 177 6.26 9.17 7.71
C THR D 177 7.56 8.45 8.03
N PHE D 192 6.48 23.19 3.71
CA PHE D 192 5.59 22.09 4.14
C PHE D 192 4.89 22.43 5.45
N TYR D 193 5.66 22.76 6.49
CA TYR D 193 5.10 23.05 7.81
C TYR D 193 4.22 24.30 7.82
N LYS D 194 4.57 25.25 6.94
CA LYS D 194 3.78 26.47 6.75
C LYS D 194 2.42 26.13 6.16
N ASP D 195 2.42 25.27 5.16
CA ASP D 195 1.18 24.71 4.63
C ASP D 195 0.35 23.98 5.69
N VAL D 196 1.00 23.16 6.53
CA VAL D 196 0.28 22.46 7.61
C VAL D 196 -0.41 23.42 8.55
N LEU D 197 0.31 24.48 8.92
CA LEU D 197 -0.22 25.49 9.81
C LEU D 197 -1.45 26.15 9.17
N ARG D 198 -1.30 26.46 7.89
CA ARG D 198 -2.33 27.14 7.08
C ARG D 198 -3.63 26.29 6.96
N ILE D 199 -3.48 24.98 6.76
CA ILE D 199 -4.61 24.08 6.53
C ILE D 199 -5.34 23.65 7.80
N LEU D 200 -4.70 23.92 8.95
CA LEU D 200 -5.33 23.74 10.25
C LEU D 200 -6.28 24.90 10.58
N LYS D 201 -7.44 24.55 11.15
CA LYS D 201 -8.37 25.51 11.75
C LYS D 201 -7.74 26.13 12.98
N PRO D 202 -8.35 27.20 13.58
CA PRO D 202 -7.64 27.92 14.68
C PRO D 202 -7.30 27.10 15.94
N ASP D 203 -8.09 26.08 16.25
CA ASP D 203 -7.82 25.15 17.35
C ASP D 203 -6.93 23.92 16.91
N GLY D 204 -6.26 24.03 15.78
CA GLY D 204 -5.61 22.91 15.14
C GLY D 204 -4.46 22.33 15.96
N ILE D 205 -4.30 21.00 15.85
CA ILE D 205 -3.16 20.26 16.47
C ILE D 205 -2.43 19.54 15.33
N CYS D 206 -1.10 19.69 15.27
CA CYS D 206 -0.27 18.92 14.36
C CYS D 206 0.62 18.00 15.21
N CYS D 207 0.72 16.75 14.81
CA CYS D 207 1.74 15.92 15.43
C CYS D 207 2.52 15.06 14.45
N ASN D 208 3.79 14.83 14.77
CA ASN D 208 4.69 14.18 13.82
C ASN D 208 5.52 13.08 14.48
N GLN D 209 6.02 12.14 13.68
CA GLN D 209 6.95 11.14 14.13
C GLN D 209 8.25 11.88 14.33
N GLY D 210 8.75 11.87 15.56
CA GLY D 210 9.65 12.93 16.02
C GLY D 210 11.16 12.72 16.10
N GLU D 211 11.64 11.51 15.82
CA GLU D 211 13.07 11.23 15.99
C GLU D 211 13.48 11.07 17.48
N SER D 212 14.71 10.60 17.69
CA SER D 212 15.23 10.17 19.00
C SER D 212 16.02 11.27 19.70
N ILE D 213 15.75 11.47 21.00
CA ILE D 213 16.60 12.33 21.83
C ILE D 213 18.02 11.76 22.00
N TRP D 214 18.20 10.47 21.73
CA TRP D 214 19.51 9.82 21.79
C TRP D 214 20.32 10.05 20.50
N LEU D 215 19.75 9.68 19.35
CA LEU D 215 20.41 9.79 18.04
C LEU D 215 20.57 11.23 17.59
N ASP D 216 19.49 11.99 17.67
CA ASP D 216 19.34 13.26 16.97
C ASP D 216 18.76 14.36 17.84
N LEU D 217 19.40 14.66 18.97
CA LEU D 217 18.89 15.70 19.87
C LEU D 217 18.83 17.04 19.17
N GLU D 218 19.93 17.37 18.49
CA GLU D 218 20.06 18.64 17.78
C GLU D 218 18.97 18.84 16.73
N LEU D 219 18.67 17.77 15.97
CA LEU D 219 17.52 17.77 15.03
C LEU D 219 16.19 18.10 15.70
N ILE D 220 15.90 17.48 16.85
CA ILE D 220 14.65 17.81 17.57
C ILE D 220 14.63 19.27 18.02
N GLU D 221 15.76 19.75 18.57
CA GLU D 221 15.88 21.18 18.95
C GLU D 221 15.55 22.06 17.75
N LYS D 222 16.20 21.75 16.64
CA LYS D 222 16.11 22.52 15.37
C LYS D 222 14.67 22.48 14.84
N MET D 223 14.09 21.28 14.78
CA MET D 223 12.73 21.09 14.31
C MET D 223 11.75 21.86 15.16
N SER D 224 11.84 21.70 16.49
CA SER D 224 10.97 22.42 17.45
C SER D 224 10.98 23.95 17.25
N ARG D 225 12.19 24.51 17.09
CA ARG D 225 12.29 25.94 16.83
C ARG D 225 11.75 26.27 15.44
N PHE D 226 12.11 25.48 14.42
CA PHE D 226 11.58 25.63 13.04
C PHE D 226 10.05 25.69 13.01
N ILE D 227 9.42 24.76 13.75
CA ILE D 227 7.96 24.69 13.87
C ILE D 227 7.32 25.86 14.60
N ARG D 228 7.91 26.30 15.71
CA ARG D 228 7.40 27.50 16.41
C ARG D 228 7.54 28.73 15.52
N GLU D 229 8.69 28.85 14.83
CA GLU D 229 8.94 30.04 14.01
C GLU D 229 8.12 30.08 12.72
N THR D 230 7.69 28.89 12.24
CA THR D 230 6.63 28.78 11.23
C THR D 230 5.32 29.48 11.70
N GLY D 231 5.11 29.58 13.01
CA GLY D 231 3.93 30.27 13.53
C GLY D 231 3.03 29.42 14.40
N PHE D 232 3.42 28.17 14.70
CA PHE D 232 2.71 27.40 15.74
C PHE D 232 2.97 28.06 17.07
N ALA D 233 1.95 28.14 17.92
CA ALA D 233 2.08 28.77 19.23
C ALA D 233 2.96 27.97 20.20
N SER D 234 2.92 26.64 20.12
CA SER D 234 3.64 25.76 21.06
C SER D 234 3.90 24.39 20.43
N VAL D 235 4.95 23.73 20.93
CA VAL D 235 5.49 22.48 20.39
C VAL D 235 6.05 21.81 21.64
N GLN D 236 5.60 20.58 21.89
CA GLN D 236 6.07 19.78 23.01
C GLN D 236 6.41 18.41 22.48
N TYR D 237 7.54 17.88 22.91
CA TYR D 237 8.02 16.58 22.49
C TYR D 237 7.65 15.49 23.51
N ALA D 238 7.01 14.44 22.99
CA ALA D 238 6.59 13.27 23.78
C ALA D 238 7.48 12.08 23.45
N LEU D 239 7.99 11.42 24.47
CA LEU D 239 8.83 10.23 24.33
C LEU D 239 7.99 8.95 24.49
N MET D 240 8.31 7.88 23.77
CA MET D 240 7.56 6.61 23.97
C MET D 240 8.48 5.44 24.28
N HIS D 241 7.93 4.44 24.96
CA HIS D 241 8.67 3.24 25.29
C HIS D 241 8.29 2.17 24.31
N VAL D 242 9.15 1.94 23.34
CA VAL D 242 9.04 0.80 22.42
C VAL D 242 10.01 -0.33 22.91
N PRO D 243 9.70 -1.61 22.62
CA PRO D 243 10.58 -2.70 23.10
C PRO D 243 11.99 -2.66 22.56
N THR D 244 12.16 -2.29 21.29
CA THR D 244 13.51 -1.91 20.78
C THR D 244 13.44 -0.78 19.70
N TYR D 245 14.52 -0.01 19.56
CA TYR D 245 14.64 0.95 18.45
C TYR D 245 16.07 1.11 17.87
N ILE D 250 12.08 6.75 19.95
CA ILE D 250 11.13 7.46 19.08
C ILE D 250 10.23 8.42 19.86
N GLY D 251 9.99 9.58 19.27
CA GLY D 251 9.22 10.61 19.93
C GLY D 251 8.19 11.19 18.98
N THR D 252 7.37 12.10 19.51
CA THR D 252 6.43 12.82 18.69
C THR D 252 6.41 14.29 19.11
N LEU D 253 6.46 15.19 18.13
CA LEU D 253 6.28 16.61 18.39
C LEU D 253 4.80 16.94 18.30
N VAL D 254 4.27 17.48 19.38
CA VAL D 254 2.85 17.76 19.43
C VAL D 254 2.76 19.29 19.44
N CYS D 255 2.13 19.83 18.38
CA CYS D 255 2.15 21.27 18.08
C CYS D 255 0.76 21.84 18.06
N SER D 256 0.60 22.99 18.71
CA SER D 256 -0.69 23.63 18.86
C SER D 256 -0.70 24.94 18.06
N LYS D 257 -1.69 25.08 17.18
CA LYS D 257 -1.86 26.35 16.44
C LYS D 257 -2.26 27.47 17.39
N LYS D 258 -3.22 27.19 18.27
CA LYS D 258 -3.73 28.19 19.20
C LYS D 258 -2.75 28.40 20.39
N ALA D 259 -2.50 29.68 20.74
CA ALA D 259 -1.77 30.04 21.99
C ALA D 259 -2.53 29.63 23.24
N GLY D 260 -1.79 29.37 24.32
CA GLY D 260 -2.42 29.04 25.62
C GLY D 260 -2.94 27.63 25.77
N VAL D 261 -2.58 26.73 24.83
CA VAL D 261 -3.00 25.32 24.91
C VAL D 261 -1.86 24.56 25.61
N ASP D 262 -2.21 23.74 26.60
CA ASP D 262 -1.24 22.83 27.21
C ASP D 262 -1.47 21.39 26.69
N VAL D 263 -0.73 20.99 25.67
CA VAL D 263 -0.98 19.67 25.08
C VAL D 263 -0.52 18.57 26.05
N THR D 264 0.25 18.92 27.09
CA THR D 264 0.87 17.91 28.01
C THR D 264 -0.11 17.31 29.01
N LYS D 265 -1.22 18.01 29.25
CA LYS D 265 -2.30 17.47 30.07
C LYS D 265 -3.47 17.22 29.10
N PRO D 266 -4.01 16.00 29.06
CA PRO D 266 -5.09 15.66 28.11
C PRO D 266 -6.30 16.59 28.20
N LEU D 267 -6.64 17.26 27.10
CA LEU D 267 -7.78 18.18 27.09
C LEU D 267 -9.10 17.39 27.14
N ARG D 268 -9.20 16.31 26.36
CA ARG D 268 -10.32 15.39 26.45
C ARG D 268 -9.86 13.99 26.88
N PRO D 269 -9.81 13.74 28.22
CA PRO D 269 -9.19 12.47 28.65
C PRO D 269 -9.85 11.25 27.98
N VAL D 270 -8.99 10.32 27.54
CA VAL D 270 -9.46 9.07 26.91
C VAL D 270 -10.39 8.21 27.83
N GLU D 271 -10.20 8.32 29.15
CA GLU D 271 -10.96 7.59 30.17
C GLU D 271 -12.48 7.86 30.09
N ASP D 272 -12.86 9.02 29.55
CA ASP D 272 -14.27 9.46 29.38
C ASP D 272 -14.89 8.97 28.08
N MET D 273 -14.16 8.14 27.31
CA MET D 273 -14.62 7.72 25.99
C MET D 273 -14.79 6.22 26.08
N PRO D 274 -15.71 5.62 25.30
CA PRO D 274 -15.99 4.17 25.53
C PRO D 274 -14.90 3.15 25.20
N PHE D 275 -13.93 3.54 24.37
CA PHE D 275 -12.88 2.59 23.95
C PHE D 275 -11.59 2.56 24.82
N ALA D 276 -11.53 3.38 25.89
CA ALA D 276 -10.28 3.53 26.71
C ALA D 276 -9.68 2.20 27.07
N LYS D 277 -10.56 1.24 27.35
CA LYS D 277 -10.17 -0.05 27.83
C LYS D 277 -9.67 -1.01 26.78
N ASP D 278 -9.96 -0.73 25.51
CA ASP D 278 -9.35 -1.45 24.38
C ASP D 278 -7.87 -1.07 24.09
N LEU D 279 -7.36 0.01 24.69
CA LEU D 279 -5.99 0.46 24.40
C LEU D 279 -4.94 -0.33 25.20
N LYS D 280 -3.85 -0.71 24.53
CA LYS D 280 -2.81 -1.50 25.17
C LYS D 280 -1.63 -0.70 25.76
N TYR D 281 -1.45 0.55 25.33
CA TYR D 281 -0.37 1.42 25.81
C TYR D 281 -0.89 2.72 26.40
N TYR D 282 -1.65 3.47 25.61
CA TYR D 282 -1.99 4.85 25.93
C TYR D 282 -3.07 4.94 27.02
N ASP D 283 -2.88 5.86 27.96
CA ASP D 283 -3.94 6.39 28.85
C ASP D 283 -3.50 7.76 29.30
N SER D 284 -4.30 8.43 30.16
CA SER D 284 -3.98 9.81 30.52
C SER D 284 -2.69 9.94 31.34
N GLU D 285 -2.42 8.94 32.18
CA GLU D 285 -1.19 8.90 32.96
C GLU D 285 0.03 8.81 32.02
N MET D 286 -0.06 7.89 31.05
CA MET D 286 0.98 7.81 30.00
C MET D 286 1.16 9.07 29.17
N HIS D 287 0.03 9.71 28.84
CA HIS D 287 0.05 10.95 28.11
C HIS D 287 0.90 11.98 28.89
N LYS D 288 0.56 12.19 30.15
CA LYS D 288 1.25 13.21 30.95
C LYS D 288 2.70 12.86 31.12
N ALA D 289 2.99 11.61 31.47
CA ALA D 289 4.34 11.14 31.66
C ALA D 289 5.24 11.34 30.42
N SER D 290 4.66 11.19 29.22
CA SER D 290 5.43 11.10 27.98
C SER D 290 6.20 12.41 27.71
N PHE D 291 5.72 13.51 28.31
CA PHE D 291 6.30 14.83 28.11
C PHE D 291 7.40 15.18 29.13
N ALA D 292 7.59 14.33 30.13
CA ALA D 292 8.71 14.44 31.05
C ALA D 292 9.93 13.87 30.33
N LEU D 293 10.95 14.71 30.11
CA LEU D 293 12.13 14.22 29.39
C LEU D 293 13.35 14.05 30.30
N PRO D 294 14.25 13.11 29.97
CA PRO D 294 15.51 13.10 30.70
C PRO D 294 16.05 14.53 30.83
N ARG D 295 16.71 14.79 31.95
CA ARG D 295 17.21 16.11 32.23
C ARG D 295 18.06 16.73 31.08
N PHE D 296 18.98 15.98 30.48
CA PHE D 296 19.79 16.50 29.34
C PHE D 296 18.94 17.01 28.14
N ALA D 297 17.72 16.48 27.96
CA ALA D 297 16.83 16.86 26.83
C ALA D 297 15.68 17.75 27.28
N ARG D 298 15.53 17.95 28.59
CA ARG D 298 14.37 18.65 29.11
C ARG D 298 14.16 20.07 28.51
N HIS D 299 15.25 20.75 28.12
CA HIS D 299 15.17 22.10 27.54
C HIS D 299 14.29 22.14 26.26
N ILE D 300 14.15 20.99 25.58
CA ILE D 300 13.22 20.88 24.43
C ILE D 300 11.81 21.36 24.77
N ASN D 301 11.32 20.97 25.95
CA ASN D 301 9.93 21.27 26.37
C ASN D 301 9.78 22.41 27.39
N ASN D 302 10.88 22.73 28.09
CA ASN D 302 10.91 23.48 29.38
C ASN D 302 9.93 22.97 30.44
CA S4M E . -25.78 6.95 -25.09
N S4M E . -26.23 7.28 -23.72
CB S4M E . -24.97 8.11 -25.59
CG S4M E . -25.74 9.01 -26.53
SD S4M E . -26.93 10.07 -25.66
CE S4M E . -28.35 9.35 -26.54
C5' S4M E . -26.65 11.51 -26.76
C4' S4M E . -27.57 12.66 -26.42
O4' S4M E . -26.90 13.91 -26.49
C1' S4M E . -27.91 14.84 -26.91
C2' S4M E . -28.66 14.12 -28.00
O2' S4M E . -29.97 14.66 -28.13
C3' S4M E . -28.65 12.71 -27.46
O3' S4M E . -29.87 12.35 -26.81
N9 S4M E . -27.29 16.09 -27.32
C8 S4M E . -26.56 16.37 -28.44
N7 S4M E . -26.16 17.63 -28.45
C5 S4M E . -26.64 18.18 -27.28
C6 S4M E . -26.55 19.46 -26.75
N6 S4M E . -25.85 20.50 -27.38
C4 S4M E . -27.35 17.23 -26.57
N3 S4M E . -27.97 17.40 -25.39
C2 S4M E . -27.80 18.66 -24.98
N1 S4M E . -27.15 19.67 -25.57
C9 8OF F . -23.62 -3.02 -31.90
C12 8OF F . -23.67 -2.94 -33.27
C4 8OF F . -23.19 -1.97 -31.11
C8 8OF F . -23.28 -1.78 -33.88
C13 8OF F . -21.12 1.54 -27.88
C14 8OF F . -22.72 2.94 -29.00
C15 8OF F . -20.84 2.54 -26.98
C16 8OF F . -22.47 3.94 -28.07
C6 8OF F . -21.97 1.45 -31.78
C11 8OF F . -22.06 1.45 -33.15
C1 8OF F . -22.80 -0.79 -31.72
C3 8OF F . -22.85 -0.71 -33.12
C10 8OF F . -22.01 1.75 -28.91
C2 8OF F . -22.37 0.35 -31.05
C17 8OF F . -21.53 3.74 -27.06
C19 8OF F . -21.81 5.94 -26.24
N7 8OF F . -22.49 0.38 -33.80
N5 8OF F . -22.08 0.64 -29.75
O18 8OF F . -21.19 4.65 -26.06
CA S4M G . -3.40 -14.53 -35.91
N S4M G . -1.96 -14.55 -36.34
CB S4M G . -4.21 -15.10 -37.03
CG S4M G . -4.56 -16.57 -36.84
SD S4M G . -3.29 -17.66 -37.58
CE S4M G . -3.52 -17.16 -39.32
C5' S4M G . -4.28 -19.21 -37.59
C4' S4M G . -3.42 -20.35 -38.10
O4' S4M G . -3.62 -21.58 -37.38
C1' S4M G . -3.49 -22.62 -38.35
C2' S4M G . -4.14 -22.10 -39.61
O2' S4M G . -3.59 -22.76 -40.73
C3' S4M G . -3.79 -20.63 -39.54
O3' S4M G . -2.66 -20.26 -40.30
N9 S4M G . -4.01 -23.90 -37.90
C8 S4M G . -5.30 -24.34 -37.84
N7 S4M G . -5.37 -25.57 -37.39
C5 S4M G . -4.07 -25.94 -37.15
C6 S4M G . -3.49 -27.11 -36.68
N6 S4M G . -4.26 -28.21 -36.34
C4 S4M G . -3.21 -24.91 -37.47
N3 S4M G . -1.87 -24.91 -37.37
C2 S4M G . -1.44 -26.08 -36.90
N1 S4M G . -2.16 -27.15 -36.56
C9 8OF H . -10.25 -5.60 -38.53
C12 8OF H . -11.20 -5.68 -39.56
C4 8OF H . -10.10 -6.60 -37.59
C8 8OF H . -12.01 -6.80 -39.64
C13 8OF H . -8.47 -9.51 -34.02
C14 8OF H . -8.60 -10.89 -35.98
C15 8OF H . -7.56 -10.37 -33.42
C16 8OF H . -7.65 -11.74 -35.41
C6 8OF H . -11.66 -9.87 -36.95
C11 8OF H . -12.58 -9.88 -38.00
C1 8OF H . -10.92 -7.72 -37.70
C3 8OF H . -11.88 -7.82 -38.72
C10 8OF H . -9.01 -9.78 -35.26
C2 8OF H . -10.82 -8.78 -36.81
C17 8OF H . -7.14 -11.49 -34.14
C19 8OF H . -6.73 -13.64 -33.48
N7 8OF H . -12.69 -8.88 -38.87
N5 8OF H . -9.94 -8.84 -35.70
O18 8OF H . -6.20 -12.29 -33.52
CA S4M I . 25.02 -1.74 36.66
N S4M I . 25.95 -1.05 37.58
CB S4M I . 25.60 -3.08 36.24
CG S4M I . 25.31 -4.21 37.22
SD S4M I . 26.74 -4.51 38.33
CE S4M I . 28.01 -4.70 37.04
C5' S4M I . 26.49 -6.28 38.67
C4' S4M I . 27.39 -6.69 39.83
O4' S4M I . 26.71 -7.51 40.79
C1' S4M I . 27.68 -8.44 41.29
C2' S4M I . 28.54 -8.79 40.10
O2' S4M I . 29.85 -9.15 40.53
C3' S4M I . 28.55 -7.51 39.30
O3' S4M I . 29.74 -6.75 39.45
N9 S4M I . 27.05 -9.58 41.98
C8 S4M I . 26.40 -10.66 41.44
N7 S4M I . 25.97 -11.49 42.39
C5 S4M I . 26.37 -10.92 43.57
C6 S4M I . 26.21 -11.33 44.90
N6 S4M I . 25.55 -12.51 45.25
C4 S4M I . 27.04 -9.74 43.34
N3 S4M I . 27.56 -8.93 44.26
C2 S4M I . 27.35 -9.41 45.48
N1 S4M I . 26.73 -10.54 45.84
C9 8OF J . 24.09 -0.27 24.41
C12 8OF J . 24.39 -1.29 23.53
C4 8OF J . 23.48 -0.48 25.63
C8 8OF J . 24.07 -2.56 23.89
C13 8OF J . 21.05 -0.58 30.15
C14 8OF J . 22.81 -2.16 30.45
C15 8OF J . 20.80 -0.57 31.50
C16 8OF J . 22.60 -2.12 31.81
C6 8OF J . 22.29 -3.44 27.45
C11 8OF J . 22.63 -4.39 26.53
C1 8OF J . 23.17 -1.78 25.99
C3 8OF J . 23.48 -2.81 25.11
C10 8OF J . 22.02 -1.39 29.62
C2 8OF J . 22.59 -2.11 27.20
C17 8OF J . 21.58 -1.34 32.34
C19 8OF J . 21.05 -2.58 34.21
N7 8OF J . 23.21 -4.09 25.38
N5 8OF J . 22.10 -1.32 28.23
O18 8OF J . 21.32 -1.27 33.70
CA S4M K . 4.63 3.52 11.43
N S4M K . 3.21 3.37 11.05
CB S4M K . 5.46 3.10 10.24
CG S4M K . 5.80 4.25 9.29
SD S4M K . 4.56 4.53 7.98
CE S4M K . 4.65 2.89 7.18
C5' S4M K . 5.71 5.42 6.86
C4' S4M K . 4.97 5.81 5.59
O4' S4M K . 5.24 7.14 5.14
C1' S4M K . 5.10 7.11 3.71
C2' S4M K . 5.83 5.84 3.34
O2' S4M K . 5.45 5.38 2.05
C3' S4M K . 5.39 4.91 4.45
O3' S4M K . 4.24 4.15 4.15
N9 S4M K . 5.66 8.30 3.11
C8 S4M K . 6.99 8.61 2.94
N7 S4M K . 7.14 9.77 2.35
C5 S4M K . 5.87 10.23 2.12
C6 S4M K . 5.41 11.39 1.52
N6 S4M K . 6.28 12.36 1.02
C4 S4M K . 4.93 9.33 2.58
N3 S4M K . 3.61 9.46 2.51
C2 S4M K . 3.28 10.63 1.92
N1 S4M K . 4.09 11.58 1.44
C9 8OF L . 11.50 -4.39 16.62
C12 8OF L . 12.58 -4.99 16.00
C4 8OF L . 11.25 -3.03 16.54
C8 8OF L . 13.44 -4.19 15.27
C13 8OF L . 9.52 1.61 16.82
C14 8OF L . 9.83 1.21 14.46
C15 8OF L . 8.69 2.67 16.56
C16 8OF L . 8.96 2.25 14.18
C6 8OF L . 12.88 -0.15 14.93
C11 8OF L . 13.93 -0.80 14.32
C1 8OF L . 12.12 -2.25 15.80
C3 8OF L . 13.23 -2.83 15.17
C10 8OF L . 10.12 0.91 15.78
C2 8OF L . 11.95 -0.88 15.65
C17 8OF L . 8.40 2.98 15.25
C19 8OF L . 7.42 4.31 13.69
N7 8OF L . 14.11 -2.12 14.45
N5 8OF L . 10.98 -0.09 16.24
O18 8OF L . 7.53 4.05 15.08
#